data_4K5O
#
_entry.id   4K5O
#
_cell.length_a   76.056
_cell.length_b   109.350
_cell.length_c   118.518
_cell.angle_alpha   90.000
_cell.angle_beta   90.000
_cell.angle_gamma   90.000
#
_symmetry.space_group_name_H-M   'P 21 21 21'
#
loop_
_entity.id
_entity.type
_entity.pdbx_description
1 polymer 'M1 family aminopeptidase'
2 non-polymer GLYCEROL
3 non-polymer 'MAGNESIUM ION'
4 non-polymer 'ZINC ION'
5 non-polymer '{(R)-amino[4-(1H-pyrazol-1-yl)phenyl]methyl}phosphonic acid'
6 water water
#
_entity_poly.entity_id   1
_entity_poly.type   'polypeptide(L)'
_entity_poly.pdbx_seq_one_letter_code
;PKIHYRKDYKPSGFIINQVTLNINIHDQETIVRSVLDMDISKHNVGEDLVFDGVGLKINEISINNKKLVEGEEYTYDNEF
LTIFSKFVPKSKFAFSSEVIIHPETNYALTGLYKSKNIIVSQCEATGFRRITFFIDRPDMMAKYDVTVTADKEKYPVLLS
NGDKVNEFEIPGGRHGARFNDPPLKPCYLFAVVAGDLKHLSATYITKYTKKKVELYVFSEEKYVSKLQWALECLKKSMAF
DEDYFGLEYDLSRLNLVAVSDFNVGAMENKGLNIFNANSLLASKKNSIDFSYARILTVVGHEYFHQYTGNRVTLRDWFQL
TLKEGLTVHRENLFSEEMTKTVTTRLSHVDLLRSVQFLEDSSPLSHPIRPESYVSMENFYTTTVYDKGSEVMRMYLTILG
EEYYKKGFDIYIKKNDGNTATCEDFNYAMEQAYKMKKADNSANLNQYLLWFSQSGTPHVSFKYNYDAEKKQYSIHVNQYT
KPDENQKEKKPLFIPISVGLINPENGKEMISQTTLELTKESDTFVFNNIAVKPIPSLFRGFSAPVYIEDQLTDEERILLL
KYDSDAFVRYNSCTNIYMKQILMNYNEFLKAKNEKLESFQLTPVNAQFIDAIKYLLEDPHADAGFKSYIVSLPQDRYIIN
FVSNLDTDVLADTKEYIYKQIGDKLNDVYYKMFKSLEAKADDLTYFNDESHVDFDQMNMRTLRNTLLSLLSKAQYPNILN
EIIEHSKSPYPSNWLTSLSVSAYFDKYFELYDKTYKLSKDDELLLQEWLKTVSRSDRKDIYEILKKLENEVLKDSKNPND
IRAVYLPFTNNLRRFHDISGKGYKLIAEVITKTDKFNPMVATQLCEPFKLWNKLDTKRQELMLNEMNTMLQEPQISNNLK
EYLLRLTNKHHHHHH
;
_entity_poly.pdbx_strand_id   A
#
loop_
_chem_comp.id
_chem_comp.type
_chem_comp.name
_chem_comp.formula
1OT non-polymer '{(R)-amino[4-(1H-pyrazol-1-yl)phenyl]methyl}phosphonic acid' 'C10 H12 N3 O3 P'
GOL non-polymer GLYCEROL 'C3 H8 O3'
MG non-polymer 'MAGNESIUM ION' 'Mg 2'
ZN non-polymer 'ZINC ION' 'Zn 2'
#
# COMPACT_ATOMS: atom_id res chain seq x y z
N PRO A 1 1.10 28.61 2.17
CA PRO A 1 0.27 27.42 1.91
C PRO A 1 -0.88 27.37 2.91
N LYS A 2 -2.09 27.16 2.42
CA LYS A 2 -3.31 27.19 3.25
C LYS A 2 -3.44 25.85 4.01
N ILE A 3 -3.79 25.92 5.29
CA ILE A 3 -3.95 24.69 6.06
C ILE A 3 -5.44 24.40 6.27
N HIS A 4 -5.90 23.23 5.80
CA HIS A 4 -7.32 22.88 5.94
C HIS A 4 -7.49 22.11 7.24
N TYR A 5 -8.44 22.52 8.07
CA TYR A 5 -8.72 21.82 9.32
C TYR A 5 -10.03 21.04 9.28
N ARG A 6 -10.01 19.83 9.85
CA ARG A 6 -11.23 19.02 9.96
C ARG A 6 -12.37 19.71 10.72
N LYS A 7 -12.04 20.46 11.77
CA LYS A 7 -13.07 21.17 12.57
C LYS A 7 -13.85 22.19 11.74
N ASP A 8 -13.32 22.54 10.56
CA ASP A 8 -13.87 23.69 9.79
C ASP A 8 -14.83 23.29 8.66
N TYR A 9 -15.26 22.01 8.64
CA TYR A 9 -16.09 21.54 7.56
C TYR A 9 -17.40 22.35 7.57
N LYS A 10 -17.78 22.87 6.41
CA LYS A 10 -19.12 23.47 6.18
C LYS A 10 -19.57 23.17 4.74
N PRO A 11 -20.86 22.87 4.56
CA PRO A 11 -21.39 22.61 3.21
C PRO A 11 -21.23 23.83 2.34
N SER A 12 -21.14 23.60 1.04
CA SER A 12 -21.05 24.65 -0.01
C SER A 12 -22.36 25.48 -0.03
N GLY A 13 -22.29 26.74 -0.39
CA GLY A 13 -23.53 27.48 -0.64
C GLY A 13 -23.96 27.34 -2.09
N PHE A 14 -23.43 26.34 -2.81
CA PHE A 14 -23.95 26.03 -4.16
C PHE A 14 -24.25 24.56 -4.33
N ILE A 15 -24.98 24.26 -5.38
CA ILE A 15 -25.24 22.88 -5.75
C ILE A 15 -24.96 22.78 -7.23
N ILE A 16 -24.36 21.67 -7.64
CA ILE A 16 -24.15 21.33 -9.01
C ILE A 16 -24.95 20.07 -9.29
N ASN A 17 -25.99 20.20 -10.14
CA ASN A 17 -26.92 19.11 -10.35
C ASN A 17 -26.53 18.25 -11.53
N GLN A 18 -25.93 18.86 -12.55
CA GLN A 18 -25.68 18.18 -13.80
C GLN A 18 -24.44 18.76 -14.45
N VAL A 19 -23.59 17.86 -14.94
CA VAL A 19 -22.41 18.27 -15.66
C VAL A 19 -22.59 17.73 -17.07
N THR A 20 -22.39 18.56 -18.09
CA THR A 20 -22.40 18.06 -19.46
C THR A 20 -21.07 18.39 -20.07
N LEU A 21 -20.28 17.37 -20.43
CA LEU A 21 -18.90 17.62 -20.86
C LEU A 21 -18.68 17.31 -22.35
N ASN A 22 -17.88 18.11 -23.00
CA ASN A 22 -17.44 17.75 -24.34
C ASN A 22 -15.96 17.83 -24.26
N ILE A 23 -15.30 16.69 -24.42
CA ILE A 23 -13.84 16.67 -24.41
C ILE A 23 -13.33 16.31 -25.83
N ASN A 24 -12.76 17.30 -26.50
CA ASN A 24 -12.26 17.14 -27.85
C ASN A 24 -10.74 17.12 -27.89
N ILE A 25 -10.20 15.96 -28.19
CA ILE A 25 -8.79 15.73 -28.06
C ILE A 25 -8.14 15.97 -29.44
N HIS A 26 -7.14 16.86 -29.52
CA HIS A 26 -6.41 17.13 -30.75
C HIS A 26 -4.94 16.86 -30.54
N ASP A 27 -4.15 16.92 -31.62
CA ASP A 27 -2.69 16.59 -31.58
C ASP A 27 -1.95 17.43 -30.57
N GLN A 28 -2.16 18.75 -30.62
CA GLN A 28 -1.40 19.68 -29.81
C GLN A 28 -2.16 20.29 -28.62
N GLU A 29 -3.42 19.87 -28.38
CA GLU A 29 -4.27 20.43 -27.32
C GLU A 29 -5.57 19.66 -27.15
N THR A 30 -6.19 19.80 -25.97
CA THR A 30 -7.49 19.22 -25.76
C THR A 30 -8.38 20.34 -25.32
N ILE A 31 -9.50 20.51 -26.03
CA ILE A 31 -10.48 21.53 -25.70
C ILE A 31 -11.59 20.91 -24.87
N VAL A 32 -11.90 21.50 -23.72
CA VAL A 32 -12.94 20.94 -22.85
C VAL A 32 -14.03 22.00 -22.68
N ARG A 33 -15.24 21.66 -23.16
CA ARG A 33 -16.46 22.47 -22.95
C ARG A 33 -17.26 21.82 -21.85
N SER A 34 -17.72 22.63 -20.90
CA SER A 34 -18.44 22.10 -19.80
C SER A 34 -19.65 23.00 -19.47
N VAL A 35 -20.82 22.41 -19.31
CA VAL A 35 -21.96 23.15 -18.84
C VAL A 35 -22.32 22.56 -17.50
N LEU A 36 -22.39 23.40 -16.48
CA LEU A 36 -22.83 22.95 -15.18
C LEU A 36 -24.23 23.48 -14.82
N ASP A 37 -25.20 22.60 -14.57
CA ASP A 37 -26.50 23.08 -14.13
C ASP A 37 -26.49 23.22 -12.60
N MET A 38 -26.53 24.47 -12.15
CA MET A 38 -26.28 24.82 -10.78
C MET A 38 -27.47 25.43 -10.04
N ASP A 39 -27.40 25.43 -8.71
CA ASP A 39 -28.38 26.08 -7.87
C ASP A 39 -27.62 26.69 -6.69
N ILE A 40 -28.38 27.41 -5.90
CA ILE A 40 -27.97 28.10 -4.69
C ILE A 40 -28.48 27.17 -3.59
N SER A 41 -27.63 26.77 -2.64
CA SER A 41 -28.07 25.84 -1.59
C SER A 41 -28.66 26.63 -0.45
N LYS A 42 -29.22 25.92 0.52
CA LYS A 42 -29.89 26.54 1.67
C LYS A 42 -28.88 27.19 2.61
N HIS A 43 -27.58 26.95 2.35
CA HIS A 43 -26.51 27.44 3.19
C HIS A 43 -25.91 28.72 2.63
N ASN A 44 -26.23 29.04 1.37
CA ASN A 44 -25.78 30.25 0.70
C ASN A 44 -26.03 31.55 1.51
N VAL A 45 -25.06 32.46 1.52
CA VAL A 45 -25.09 33.75 2.30
C VAL A 45 -24.70 34.89 1.37
N GLY A 46 -24.99 34.71 0.09
CA GLY A 46 -24.75 35.71 -0.90
C GLY A 46 -23.32 35.81 -1.36
N GLU A 47 -22.50 34.78 -1.08
CA GLU A 47 -21.06 34.81 -1.39
C GLU A 47 -20.64 34.74 -2.87
N ASP A 48 -19.40 35.14 -3.18
CA ASP A 48 -18.80 34.95 -4.54
C ASP A 48 -18.92 33.48 -4.95
N LEU A 49 -19.14 33.21 -6.23
CA LEU A 49 -19.00 31.87 -6.75
C LEU A 49 -17.52 31.57 -7.07
N VAL A 50 -16.97 30.54 -6.44
CA VAL A 50 -15.51 30.25 -6.51
C VAL A 50 -15.30 28.81 -6.99
N PHE A 51 -14.76 28.66 -8.19
CA PHE A 51 -14.44 27.33 -8.73
C PHE A 51 -12.97 27.03 -8.57
N ASP A 52 -12.69 25.77 -8.26
CA ASP A 52 -11.35 25.24 -8.46
C ASP A 52 -11.06 25.11 -9.93
N GLY A 53 -9.85 25.44 -10.30
CA GLY A 53 -9.41 25.21 -11.65
C GLY A 53 -7.93 25.52 -11.72
N VAL A 54 -7.15 24.49 -11.96
CA VAL A 54 -5.66 24.58 -11.92
C VAL A 54 -5.04 24.42 -13.32
N GLY A 55 -4.30 25.41 -13.80
CA GLY A 55 -3.59 25.31 -15.06
C GLY A 55 -4.46 25.32 -16.30
N LEU A 56 -5.65 25.92 -16.19
CA LEU A 56 -6.59 25.90 -17.28
C LEU A 56 -6.40 27.17 -18.11
N LYS A 57 -6.47 27.04 -19.43
CA LYS A 57 -6.40 28.22 -20.32
C LYS A 57 -7.82 28.51 -20.75
N ILE A 58 -8.37 29.64 -20.31
CA ILE A 58 -9.77 30.00 -20.56
C ILE A 58 -9.94 30.58 -21.98
N ASN A 59 -10.84 29.97 -22.75
CA ASN A 59 -11.28 30.54 -24.03
C ASN A 59 -12.45 31.46 -23.73
N GLU A 60 -13.40 30.96 -22.94
CA GLU A 60 -14.49 31.80 -22.41
C GLU A 60 -15.22 31.16 -21.25
N ILE A 61 -15.85 32.03 -20.44
CA ILE A 61 -16.82 31.63 -19.42
C ILE A 61 -18.17 32.38 -19.59
N SER A 62 -19.25 31.80 -19.06
CA SER A 62 -20.61 32.31 -19.20
C SER A 62 -21.48 31.86 -18.07
N ILE A 63 -22.47 32.69 -17.79
CA ILE A 63 -23.63 32.30 -17.00
C ILE A 63 -24.91 32.48 -17.86
N ASN A 64 -25.72 31.42 -17.99
CA ASN A 64 -26.97 31.46 -18.74
C ASN A 64 -26.76 31.92 -20.20
N ASN A 65 -25.64 31.50 -20.79
CA ASN A 65 -25.32 31.84 -22.19
C ASN A 65 -24.97 33.32 -22.44
N LYS A 66 -24.64 34.06 -21.40
CA LYS A 66 -24.00 35.36 -21.52
C LYS A 66 -22.50 35.37 -21.10
N LYS A 67 -21.60 35.75 -22.02
CA LYS A 67 -20.15 35.78 -21.74
C LYS A 67 -19.82 36.67 -20.57
N LEU A 68 -18.93 36.22 -19.70
CA LEU A 68 -18.50 37.03 -18.55
C LEU A 68 -17.23 37.81 -18.87
N VAL A 69 -16.98 38.93 -18.16
CA VAL A 69 -15.81 39.78 -18.47
C VAL A 69 -14.71 39.73 -17.46
N GLU A 70 -13.53 39.34 -17.95
CA GLU A 70 -12.39 39.17 -17.11
C GLU A 70 -12.11 40.51 -16.41
N GLY A 71 -11.89 40.50 -15.10
CA GLY A 71 -11.50 41.71 -14.37
C GLY A 71 -12.69 42.40 -13.73
N GLU A 72 -13.74 42.59 -14.50
CA GLU A 72 -14.91 43.32 -13.98
C GLU A 72 -15.93 42.36 -13.30
N GLU A 73 -16.13 41.19 -13.90
CA GLU A 73 -17.09 40.21 -13.41
C GLU A 73 -16.43 38.95 -12.79
N TYR A 74 -15.12 38.76 -12.97
CA TYR A 74 -14.42 37.53 -12.51
C TYR A 74 -12.90 37.65 -12.57
N THR A 75 -12.22 37.00 -11.63
CA THR A 75 -10.77 36.86 -11.70
C THR A 75 -10.45 35.37 -11.73
N TYR A 76 -9.35 35.03 -12.41
CA TYR A 76 -8.79 33.71 -12.38
C TYR A 76 -7.28 33.87 -12.25
N ASP A 77 -6.72 33.16 -11.27
CA ASP A 77 -5.30 33.26 -10.89
C ASP A 77 -4.59 31.93 -11.08
N ASN A 78 -5.11 31.10 -11.97
CA ASN A 78 -4.52 29.75 -12.26
C ASN A 78 -4.76 28.69 -11.19
N GLU A 79 -5.49 29.05 -10.14
CA GLU A 79 -5.92 28.13 -9.13
C GLU A 79 -7.42 28.21 -8.77
N PHE A 80 -7.92 29.46 -8.65
CA PHE A 80 -9.34 29.70 -8.32
C PHE A 80 -9.91 30.68 -9.28
N LEU A 81 -11.10 30.35 -9.80
CA LEU A 81 -11.94 31.24 -10.58
C LEU A 81 -13.02 31.82 -9.67
N THR A 82 -13.01 33.16 -9.54
CA THR A 82 -13.89 33.83 -8.58
C THR A 82 -14.87 34.65 -9.42
N ILE A 83 -16.16 34.33 -9.38
CA ILE A 83 -17.22 35.17 -10.04
C ILE A 83 -17.89 35.95 -8.92
N PHE A 84 -17.83 37.28 -9.00
CA PHE A 84 -18.22 38.15 -7.94
C PHE A 84 -19.72 38.03 -7.78
N SER A 85 -20.18 38.02 -6.54
CA SER A 85 -21.57 37.61 -6.26
C SER A 85 -22.64 38.44 -6.97
N LYS A 86 -22.42 39.74 -7.14
CA LYS A 86 -23.39 40.59 -7.83
C LYS A 86 -23.73 40.02 -9.20
N PHE A 87 -22.85 39.17 -9.74
CA PHE A 87 -23.13 38.56 -11.05
C PHE A 87 -23.58 37.09 -10.99
N VAL A 88 -23.79 36.56 -9.80
CA VAL A 88 -24.22 35.19 -9.66
C VAL A 88 -25.74 35.17 -9.47
N PRO A 89 -26.48 34.40 -10.29
CA PRO A 89 -27.95 34.32 -10.16
C PRO A 89 -28.39 33.79 -8.79
N LYS A 90 -29.64 34.02 -8.40
CA LYS A 90 -30.13 33.47 -7.12
C LYS A 90 -31.14 32.36 -7.23
N SER A 91 -31.33 31.87 -8.45
CA SER A 91 -32.03 30.59 -8.62
C SER A 91 -31.28 29.70 -9.62
N LYS A 92 -31.77 28.49 -9.86
CA LYS A 92 -31.20 27.58 -10.86
C LYS A 92 -30.62 28.30 -12.05
N PHE A 93 -29.39 27.99 -12.41
CA PHE A 93 -28.70 28.75 -13.44
C PHE A 93 -27.63 27.84 -14.05
N ALA A 94 -27.13 28.19 -15.23
CA ALA A 94 -26.15 27.40 -15.95
C ALA A 94 -24.82 28.16 -16.01
N PHE A 95 -23.73 27.47 -15.66
CA PHE A 95 -22.44 28.04 -15.79
C PHE A 95 -21.80 27.22 -16.92
N SER A 96 -21.17 27.88 -17.88
CA SER A 96 -20.45 27.20 -18.99
C SER A 96 -19.03 27.76 -19.19
N SER A 97 -18.17 26.93 -19.76
CA SER A 97 -16.82 27.38 -20.03
C SER A 97 -16.21 26.50 -21.06
N GLU A 98 -15.20 27.06 -21.70
CA GLU A 98 -14.38 26.30 -22.62
C GLU A 98 -12.92 26.62 -22.27
N VAL A 99 -12.16 25.57 -21.97
CA VAL A 99 -10.74 25.70 -21.58
C VAL A 99 -9.93 24.78 -22.45
N ILE A 100 -8.65 25.11 -22.48
CA ILE A 100 -7.68 24.33 -23.20
C ILE A 100 -6.70 23.73 -22.15
N ILE A 101 -6.42 22.45 -22.32
CA ILE A 101 -5.46 21.69 -21.52
C ILE A 101 -4.57 20.86 -22.46
N HIS A 102 -3.47 20.31 -21.91
CA HIS A 102 -2.42 19.75 -22.74
C HIS A 102 -1.97 18.38 -22.18
N PRO A 103 -2.82 17.33 -22.32
CA PRO A 103 -2.44 15.98 -21.78
C PRO A 103 -1.07 15.48 -22.23
N GLU A 104 -0.65 15.84 -23.46
CA GLU A 104 0.69 15.41 -24.02
C GLU A 104 1.90 15.83 -23.21
N THR A 105 1.80 16.98 -22.52
CA THR A 105 2.92 17.47 -21.76
C THR A 105 2.58 17.44 -20.28
N ASN A 106 1.50 16.72 -19.95
CA ASN A 106 1.15 16.54 -18.53
C ASN A 106 1.93 15.39 -17.92
N TYR A 107 3.13 15.67 -17.45
CA TYR A 107 3.93 14.61 -16.93
C TYR A 107 3.78 14.35 -15.42
N ALA A 108 2.93 15.13 -14.74
CA ALA A 108 2.69 14.89 -13.30
C ALA A 108 1.65 13.76 -13.13
N LEU A 109 0.99 13.38 -14.23
CA LEU A 109 0.07 12.23 -14.21
C LEU A 109 -1.20 12.43 -13.29
N THR A 110 -1.67 13.67 -13.24
CA THR A 110 -2.85 13.97 -12.46
C THR A 110 -3.71 14.83 -13.39
N GLY A 111 -5.05 14.74 -13.32
CA GLY A 111 -5.89 15.44 -14.36
C GLY A 111 -5.94 14.56 -15.61
N LEU A 112 -5.87 15.15 -16.80
CA LEU A 112 -5.90 14.38 -18.03
C LEU A 112 -4.51 14.28 -18.57
N TYR A 113 -4.05 13.08 -18.88
CA TYR A 113 -2.69 12.98 -19.38
C TYR A 113 -2.48 11.89 -20.42
N LYS A 114 -1.35 11.96 -21.09
CA LYS A 114 -1.02 10.95 -22.11
C LYS A 114 0.00 9.95 -21.48
N SER A 115 -0.31 8.66 -21.56
CA SER A 115 0.63 7.61 -21.13
C SER A 115 0.92 6.76 -22.37
N LYS A 116 2.08 7.03 -22.96
CA LYS A 116 2.50 6.33 -24.21
C LYS A 116 1.45 6.73 -25.26
N ASN A 117 0.67 5.82 -25.83
CA ASN A 117 -0.33 6.29 -26.81
C ASN A 117 -1.78 6.28 -26.27
N ILE A 118 -1.93 6.35 -24.95
CA ILE A 118 -3.25 6.33 -24.37
C ILE A 118 -3.49 7.66 -23.64
N ILE A 119 -4.67 8.26 -23.78
CA ILE A 119 -5.03 9.45 -22.99
C ILE A 119 -5.87 8.95 -21.84
N VAL A 120 -5.64 9.44 -20.63
CA VAL A 120 -6.31 8.83 -19.50
C VAL A 120 -6.41 9.89 -18.40
N SER A 121 -7.41 9.78 -17.54
CA SER A 121 -7.56 10.79 -16.42
C SER A 121 -7.20 10.14 -15.09
N GLN A 122 -6.76 10.97 -14.13
CA GLN A 122 -6.60 10.57 -12.78
C GLN A 122 -7.09 11.76 -11.92
N CYS A 123 -8.31 11.60 -11.38
CA CYS A 123 -8.98 12.67 -10.62
C CYS A 123 -8.85 12.68 -9.11
N GLU A 124 -8.76 11.53 -8.45
CA GLU A 124 -8.53 11.55 -6.97
C GLU A 124 -7.12 12.09 -6.63
N ALA A 125 -7.02 13.00 -5.67
CA ALA A 125 -8.17 13.58 -4.97
C ALA A 125 -8.67 14.85 -5.62
N THR A 126 -7.75 15.68 -6.10
CA THR A 126 -8.12 16.98 -6.58
C THR A 126 -7.58 17.17 -7.99
N GLY A 127 -7.70 16.13 -8.84
CA GLY A 127 -7.25 16.27 -10.21
C GLY A 127 -8.35 16.73 -11.21
N PHE A 128 -9.65 16.69 -10.81
CA PHE A 128 -10.73 17.03 -11.79
C PHE A 128 -10.61 18.56 -12.18
N ARG A 129 -10.12 19.34 -11.23
CA ARG A 129 -9.98 20.77 -11.39
C ARG A 129 -8.84 21.10 -12.38
N ARG A 130 -8.05 20.09 -12.77
CA ARG A 130 -7.03 20.22 -13.82
C ARG A 130 -7.63 19.93 -15.19
N ILE A 131 -8.92 19.51 -15.23
CA ILE A 131 -9.60 19.18 -16.51
C ILE A 131 -10.56 20.31 -16.88
N THR A 132 -11.36 20.75 -15.91
CA THR A 132 -12.33 21.85 -16.10
C THR A 132 -12.70 22.49 -14.75
N PHE A 133 -13.40 23.65 -14.77
CA PHE A 133 -13.81 24.28 -13.50
C PHE A 133 -14.79 23.46 -12.67
N PHE A 134 -14.61 23.42 -11.35
CA PHE A 134 -15.56 22.69 -10.53
C PHE A 134 -15.41 23.08 -9.04
N ILE A 135 -16.41 22.76 -8.23
CA ILE A 135 -16.28 22.89 -6.78
C ILE A 135 -15.80 21.49 -6.39
N ASP A 136 -14.49 21.36 -6.42
CA ASP A 136 -13.82 20.03 -6.53
C ASP A 136 -13.61 19.51 -5.12
N ARG A 137 -14.69 19.05 -4.50
CA ARG A 137 -14.70 18.39 -3.19
C ARG A 137 -15.71 17.25 -3.23
N PRO A 138 -15.45 16.16 -2.48
CA PRO A 138 -16.23 14.94 -2.68
C PRO A 138 -17.69 15.01 -2.27
N ASP A 139 -18.11 16.09 -1.64
CA ASP A 139 -19.53 16.12 -1.21
C ASP A 139 -20.40 16.78 -2.28
N MET A 140 -19.77 17.34 -3.33
CA MET A 140 -20.52 17.86 -4.47
C MET A 140 -20.96 16.75 -5.44
N MET A 141 -22.15 16.18 -5.23
CA MET A 141 -22.65 15.11 -6.05
C MET A 141 -23.39 15.62 -7.24
N ALA A 142 -23.13 15.08 -8.43
CA ALA A 142 -23.80 15.51 -9.64
C ALA A 142 -24.03 14.35 -10.62
N LYS A 143 -24.90 14.58 -11.61
CA LYS A 143 -25.05 13.72 -12.76
C LYS A 143 -24.10 14.10 -13.89
N TYR A 144 -23.67 13.12 -14.70
CA TYR A 144 -22.61 13.35 -15.66
C TYR A 144 -23.04 12.85 -17.06
N ASP A 145 -22.86 13.69 -18.08
CA ASP A 145 -23.16 13.34 -19.47
C ASP A 145 -21.93 13.71 -20.28
N VAL A 146 -21.14 12.74 -20.68
CA VAL A 146 -19.82 13.05 -21.25
C VAL A 146 -19.64 12.64 -22.72
N THR A 147 -19.17 13.55 -23.56
CA THR A 147 -18.91 13.20 -24.95
C THR A 147 -17.42 13.37 -25.17
N VAL A 148 -16.79 12.43 -25.86
CA VAL A 148 -15.39 12.54 -26.15
C VAL A 148 -15.24 12.39 -27.65
N THR A 149 -14.40 13.23 -28.22
CA THR A 149 -14.04 13.11 -29.63
C THR A 149 -12.51 13.08 -29.78
N ALA A 150 -12.07 12.37 -30.80
CA ALA A 150 -10.65 12.22 -31.07
C ALA A 150 -10.41 11.68 -32.50
N ASP A 151 -9.16 11.63 -32.91
CA ASP A 151 -8.78 10.97 -34.16
C ASP A 151 -9.11 9.48 -34.07
N LYS A 152 -9.81 8.93 -35.05
CA LYS A 152 -10.31 7.55 -35.02
C LYS A 152 -9.16 6.53 -35.13
N GLU A 153 -8.19 6.82 -36.00
CA GLU A 153 -7.04 5.93 -36.17
C GLU A 153 -6.15 5.89 -34.90
N LYS A 154 -5.83 7.04 -34.31
CA LYS A 154 -5.02 7.06 -33.04
C LYS A 154 -5.81 6.59 -31.79
N TYR A 155 -7.11 6.93 -31.74
CA TYR A 155 -7.97 6.66 -30.56
C TYR A 155 -9.30 5.98 -30.89
N PRO A 156 -9.22 4.73 -31.37
CA PRO A 156 -10.44 4.01 -31.81
C PRO A 156 -11.39 3.66 -30.64
N VAL A 157 -10.82 3.46 -29.42
CA VAL A 157 -11.56 3.09 -28.19
C VAL A 157 -11.71 4.29 -27.24
N LEU A 158 -12.97 4.66 -26.98
CA LEU A 158 -13.34 5.81 -26.20
C LEU A 158 -14.19 5.30 -25.04
N LEU A 159 -13.86 5.70 -23.79
CA LEU A 159 -14.56 5.20 -22.61
C LEU A 159 -14.68 6.30 -21.54
N SER A 160 -15.80 6.26 -20.82
CA SER A 160 -16.05 7.10 -19.68
C SER A 160 -17.12 6.40 -18.89
N ASN A 161 -17.60 7.03 -17.83
CA ASN A 161 -18.51 6.33 -16.92
C ASN A 161 -19.92 6.20 -17.54
N GLY A 162 -20.63 5.13 -17.17
CA GLY A 162 -22.05 5.03 -17.52
C GLY A 162 -22.22 4.30 -18.84
N ASP A 163 -23.37 4.50 -19.47
CA ASP A 163 -23.68 3.83 -20.75
C ASP A 163 -23.16 4.63 -21.92
N LYS A 164 -22.55 3.95 -22.85
CA LYS A 164 -22.21 4.56 -24.09
C LYS A 164 -23.55 4.69 -24.86
N VAL A 165 -24.02 5.91 -25.09
CA VAL A 165 -25.39 6.09 -25.63
C VAL A 165 -25.40 6.48 -27.10
N ASN A 166 -24.27 6.99 -27.61
CA ASN A 166 -24.15 7.40 -29.01
C ASN A 166 -22.71 7.26 -29.46
N GLU A 167 -22.53 6.87 -30.73
CA GLU A 167 -21.21 6.89 -31.41
C GLU A 167 -21.45 7.57 -32.75
N PHE A 168 -20.49 8.33 -33.22
CA PHE A 168 -20.69 9.16 -34.39
C PHE A 168 -19.39 9.59 -35.03
N GLU A 169 -19.40 9.61 -36.39
CA GLU A 169 -18.32 10.04 -37.23
C GLU A 169 -18.22 11.54 -37.31
N ILE A 170 -17.00 12.06 -37.46
CA ILE A 170 -16.74 13.48 -37.51
C ILE A 170 -15.82 13.73 -38.72
N PRO A 171 -16.04 14.84 -39.46
CA PRO A 171 -15.26 15.10 -40.67
C PRO A 171 -13.84 15.26 -40.27
N GLY A 172 -12.95 14.82 -41.17
CA GLY A 172 -11.52 14.94 -40.94
C GLY A 172 -10.95 13.77 -40.18
N GLY A 173 -11.57 12.61 -40.27
CA GLY A 173 -10.97 11.37 -39.72
C GLY A 173 -11.22 11.19 -38.21
N ARG A 174 -12.11 12.02 -37.65
CA ARG A 174 -12.39 12.01 -36.20
C ARG A 174 -13.62 11.15 -35.86
N HIS A 175 -13.84 10.85 -34.58
CA HIS A 175 -15.09 10.22 -34.18
C HIS A 175 -15.46 10.64 -32.77
N GLY A 176 -16.65 10.25 -32.33
CA GLY A 176 -17.12 10.69 -31.03
C GLY A 176 -17.88 9.57 -30.36
N ALA A 177 -17.97 9.64 -29.03
CA ALA A 177 -18.90 8.79 -28.26
C ALA A 177 -19.43 9.63 -27.11
N ARG A 178 -20.71 9.45 -26.80
CA ARG A 178 -21.36 10.06 -25.68
C ARG A 178 -21.70 8.99 -24.63
N PHE A 179 -21.43 9.35 -23.36
CA PHE A 179 -21.69 8.42 -22.25
C PHE A 179 -22.53 9.13 -21.23
N ASN A 180 -23.65 8.53 -20.88
CA ASN A 180 -24.47 9.18 -19.91
C ASN A 180 -24.51 8.36 -18.66
N ASP A 181 -24.28 9.03 -17.53
CA ASP A 181 -24.19 8.38 -16.22
C ASP A 181 -25.16 9.02 -15.22
N PRO A 182 -26.41 8.59 -15.24
CA PRO A 182 -27.38 9.33 -14.41
C PRO A 182 -27.18 9.28 -12.88
N PRO A 183 -26.70 8.15 -12.31
CA PRO A 183 -26.62 8.20 -10.83
C PRO A 183 -25.60 9.24 -10.33
N LEU A 184 -25.89 9.88 -9.20
CA LEU A 184 -25.02 10.94 -8.71
C LEU A 184 -23.63 10.39 -8.35
N LYS A 185 -22.59 11.18 -8.58
CA LYS A 185 -21.24 10.76 -8.08
C LYS A 185 -20.41 12.00 -7.75
N PRO A 186 -19.34 11.83 -6.92
CA PRO A 186 -18.42 12.93 -6.78
C PRO A 186 -17.51 13.02 -8.00
N CYS A 187 -16.87 14.17 -8.19
CA CYS A 187 -16.09 14.34 -9.39
C CYS A 187 -14.78 13.59 -9.40
N TYR A 188 -14.29 13.17 -8.22
CA TYR A 188 -13.04 12.47 -8.25
C TYR A 188 -13.28 11.07 -8.83
N LEU A 189 -14.54 10.67 -9.04
CA LEU A 189 -14.84 9.34 -9.61
C LEU A 189 -15.08 9.39 -11.14
N PHE A 190 -15.03 10.58 -11.73
CA PHE A 190 -15.13 10.70 -13.18
C PHE A 190 -13.91 10.12 -13.76
N ALA A 191 -14.06 9.42 -14.90
CA ALA A 191 -12.83 9.02 -15.65
C ALA A 191 -13.12 9.04 -17.15
N VAL A 192 -12.07 9.20 -17.93
CA VAL A 192 -12.13 9.06 -19.37
C VAL A 192 -10.90 8.38 -19.88
N VAL A 193 -11.01 7.56 -20.93
CA VAL A 193 -9.87 6.88 -21.51
C VAL A 193 -10.06 6.86 -23.04
N ALA A 194 -8.97 7.10 -23.80
CA ALA A 194 -9.02 7.04 -25.26
C ALA A 194 -7.73 6.36 -25.74
N GLY A 195 -7.81 5.39 -26.64
CA GLY A 195 -6.60 4.77 -27.15
C GLY A 195 -6.88 3.62 -28.09
N ASP A 196 -5.81 3.07 -28.68
CA ASP A 196 -5.93 1.90 -29.54
C ASP A 196 -5.88 0.70 -28.63
N LEU A 197 -6.96 0.47 -27.92
CA LEU A 197 -6.96 -0.49 -26.84
C LEU A 197 -7.40 -1.86 -27.31
N LYS A 198 -6.70 -2.93 -26.89
CA LYS A 198 -7.23 -4.29 -27.13
C LYS A 198 -7.77 -4.89 -25.83
N HIS A 199 -8.53 -5.98 -25.89
CA HIS A 199 -9.19 -6.45 -24.67
C HIS A 199 -9.46 -7.92 -24.62
N LEU A 200 -9.68 -8.45 -23.43
CA LEU A 200 -10.37 -9.70 -23.17
C LEU A 200 -11.69 -9.44 -22.43
N SER A 201 -12.67 -10.34 -22.50
CA SER A 201 -13.93 -10.10 -21.79
C SER A 201 -14.59 -11.38 -21.39
N ALA A 202 -15.52 -11.27 -20.44
CA ALA A 202 -16.31 -12.37 -19.98
C ALA A 202 -17.64 -11.80 -19.51
N THR A 203 -18.60 -12.67 -19.24
CA THR A 203 -19.85 -12.29 -18.67
C THR A 203 -19.89 -12.97 -17.29
N TYR A 204 -20.20 -12.19 -16.27
CA TYR A 204 -20.50 -12.69 -14.92
C TYR A 204 -22.00 -12.55 -14.60
N ILE A 205 -22.59 -13.61 -14.04
CA ILE A 205 -24.02 -13.59 -13.70
C ILE A 205 -24.10 -13.45 -12.18
N THR A 206 -24.73 -12.38 -11.67
CA THR A 206 -24.71 -12.12 -10.20
C THR A 206 -25.45 -13.23 -9.40
N LYS A 207 -25.16 -13.35 -8.12
CA LYS A 207 -25.59 -14.48 -7.31
C LYS A 207 -27.09 -14.46 -7.01
N TYR A 208 -27.66 -13.28 -6.76
CA TYR A 208 -29.04 -13.21 -6.28
C TYR A 208 -30.08 -12.75 -7.34
N THR A 209 -29.80 -11.68 -8.06
CA THR A 209 -30.71 -11.11 -9.02
C THR A 209 -30.38 -11.66 -10.40
N LYS A 210 -29.30 -12.41 -10.52
CA LYS A 210 -28.92 -13.10 -11.76
C LYS A 210 -28.70 -12.15 -12.94
N LYS A 211 -28.34 -10.89 -12.65
CA LYS A 211 -27.98 -9.90 -13.70
C LYS A 211 -26.69 -10.27 -14.46
N LYS A 212 -26.70 -10.13 -15.79
CA LYS A 212 -25.49 -10.30 -16.56
C LYS A 212 -24.67 -9.03 -16.41
N VAL A 213 -23.41 -9.23 -16.02
CA VAL A 213 -22.43 -8.17 -15.99
C VAL A 213 -21.36 -8.48 -17.02
N GLU A 214 -21.11 -7.55 -17.93
CA GLU A 214 -20.00 -7.67 -18.89
C GLU A 214 -18.73 -7.17 -18.22
N LEU A 215 -17.63 -7.91 -18.32
CA LEU A 215 -16.33 -7.52 -17.77
C LEU A 215 -15.38 -7.37 -18.92
N TYR A 216 -14.74 -6.20 -19.02
CA TYR A 216 -13.74 -5.93 -20.05
C TYR A 216 -12.40 -5.57 -19.39
N VAL A 217 -11.33 -6.17 -19.85
CA VAL A 217 -10.03 -5.76 -19.33
C VAL A 217 -9.24 -5.30 -20.56
N PHE A 218 -8.62 -4.10 -20.51
CA PHE A 218 -7.97 -3.49 -21.71
C PHE A 218 -6.48 -3.25 -21.46
N SER A 219 -5.69 -3.36 -22.53
CA SER A 219 -4.32 -2.83 -22.59
C SER A 219 -3.93 -2.41 -24.00
N GLU A 220 -2.73 -1.87 -24.17
CA GLU A 220 -2.21 -1.68 -25.49
C GLU A 220 -2.03 -3.04 -26.14
N GLU A 221 -2.00 -3.03 -27.47
CA GLU A 221 -2.03 -4.27 -28.22
C GLU A 221 -0.88 -5.25 -27.87
N LYS A 222 0.30 -4.70 -27.67
CA LYS A 222 1.49 -5.50 -27.40
C LYS A 222 1.30 -6.45 -26.24
N TYR A 223 0.54 -6.04 -25.24
CA TYR A 223 0.50 -6.80 -24.01
C TYR A 223 -0.85 -7.40 -23.70
N VAL A 224 -1.78 -7.47 -24.69
CA VAL A 224 -3.13 -7.96 -24.41
C VAL A 224 -3.16 -9.43 -23.91
N SER A 225 -2.18 -10.23 -24.30
CA SER A 225 -2.05 -11.58 -23.79
C SER A 225 -1.59 -11.69 -22.31
N LYS A 226 -1.51 -10.56 -21.61
CA LYS A 226 -1.14 -10.58 -20.17
C LYS A 226 -2.30 -10.16 -19.35
N LEU A 227 -3.48 -10.12 -19.96
CA LEU A 227 -4.68 -9.68 -19.26
C LEU A 227 -5.46 -10.82 -18.60
N GLN A 228 -5.13 -12.10 -18.83
CA GLN A 228 -6.10 -13.14 -18.39
C GLN A 228 -6.24 -13.25 -16.90
N TRP A 229 -5.11 -13.15 -16.18
CA TRP A 229 -5.14 -13.29 -14.73
C TRP A 229 -5.96 -12.21 -14.08
N ALA A 230 -5.80 -10.96 -14.51
CA ALA A 230 -6.63 -9.85 -14.03
C ALA A 230 -8.13 -10.16 -14.14
N LEU A 231 -8.53 -10.73 -15.30
CA LEU A 231 -9.95 -11.09 -15.54
C LEU A 231 -10.37 -12.15 -14.54
N GLU A 232 -9.54 -13.17 -14.31
CA GLU A 232 -9.86 -14.13 -13.26
C GLU A 232 -9.95 -13.49 -11.89
N CYS A 233 -9.01 -12.58 -11.58
CA CYS A 233 -9.05 -11.88 -10.28
C CYS A 233 -10.37 -11.11 -10.12
N LEU A 234 -10.88 -10.49 -11.20
CA LEU A 234 -12.11 -9.70 -11.11
C LEU A 234 -13.30 -10.62 -10.77
N LYS A 235 -13.42 -11.75 -11.48
CA LYS A 235 -14.47 -12.77 -11.15
C LYS A 235 -14.42 -13.21 -9.68
N LYS A 236 -13.20 -13.53 -9.21
CA LYS A 236 -13.00 -13.95 -7.84
C LYS A 236 -13.44 -12.83 -6.86
N SER A 237 -13.11 -11.58 -7.21
CA SER A 237 -13.40 -10.41 -6.37
C SER A 237 -14.93 -10.27 -6.26
N MET A 238 -15.64 -10.45 -7.37
CA MET A 238 -17.13 -10.26 -7.35
C MET A 238 -17.81 -11.38 -6.53
N ALA A 239 -17.25 -12.60 -6.65
CA ALA A 239 -17.76 -13.78 -5.94
C ALA A 239 -17.57 -13.60 -4.47
N PHE A 240 -16.39 -13.06 -4.11
CA PHE A 240 -16.10 -12.82 -2.70
C PHE A 240 -17.08 -11.87 -2.06
N ASP A 241 -17.24 -10.68 -2.64
CA ASP A 241 -18.14 -9.68 -2.05
C ASP A 241 -19.55 -10.29 -1.96
N GLU A 242 -19.84 -11.18 -2.89
CA GLU A 242 -21.14 -11.84 -2.90
C GLU A 242 -21.22 -12.84 -1.75
N ASP A 243 -20.15 -13.61 -1.54
CA ASP A 243 -20.22 -14.70 -0.59
C ASP A 243 -20.07 -14.27 0.85
N TYR A 244 -19.14 -13.34 1.10
CA TYR A 244 -18.81 -12.92 2.45
C TYR A 244 -19.75 -11.80 2.90
N PHE A 245 -19.98 -10.81 2.03
CA PHE A 245 -20.81 -9.66 2.41
C PHE A 245 -22.22 -9.63 1.86
N GLY A 246 -22.51 -10.58 0.96
CA GLY A 246 -23.85 -10.64 0.28
C GLY A 246 -24.07 -9.48 -0.67
N LEU A 247 -23.01 -8.96 -1.28
CA LEU A 247 -23.10 -7.74 -2.06
C LEU A 247 -22.88 -8.00 -3.57
N GLU A 248 -23.81 -7.56 -4.43
CA GLU A 248 -23.73 -7.77 -5.87
C GLU A 248 -23.29 -6.51 -6.55
N TYR A 249 -22.64 -6.63 -7.72
CA TYR A 249 -22.34 -5.44 -8.54
C TYR A 249 -23.65 -4.87 -9.07
N ASP A 250 -23.77 -3.55 -9.05
CA ASP A 250 -25.03 -2.91 -9.42
C ASP A 250 -25.09 -2.50 -10.91
N LEU A 251 -23.97 -2.54 -11.63
CA LEU A 251 -23.95 -1.95 -13.02
C LEU A 251 -23.91 -3.05 -14.10
N SER A 252 -24.10 -2.71 -15.37
CA SER A 252 -24.16 -3.80 -16.35
C SER A 252 -22.79 -4.15 -16.93
N ARG A 253 -21.77 -3.34 -16.60
CA ARG A 253 -20.46 -3.49 -17.21
C ARG A 253 -19.41 -2.96 -16.27
N LEU A 254 -18.24 -3.61 -16.25
CA LEU A 254 -17.09 -3.11 -15.51
C LEU A 254 -15.85 -3.23 -16.41
N ASN A 255 -15.17 -2.10 -16.62
CA ASN A 255 -13.97 -1.99 -17.41
C ASN A 255 -12.73 -1.81 -16.50
N LEU A 256 -11.67 -2.57 -16.81
CA LEU A 256 -10.34 -2.44 -16.18
C LEU A 256 -9.41 -2.03 -17.29
N VAL A 257 -8.61 -0.99 -17.08
CA VAL A 257 -7.71 -0.54 -18.15
C VAL A 257 -6.27 -0.41 -17.58
N ALA A 258 -5.29 -0.98 -18.23
CA ALA A 258 -3.90 -0.82 -17.83
C ALA A 258 -3.21 0.33 -18.58
N VAL A 259 -2.52 1.21 -17.84
CA VAL A 259 -1.65 2.26 -18.42
C VAL A 259 -0.20 2.11 -17.85
N SER A 260 0.75 2.54 -18.67
CA SER A 260 2.16 2.35 -18.37
C SER A 260 2.67 3.39 -17.37
N ASP A 261 2.06 4.59 -17.38
CA ASP A 261 2.55 5.71 -16.55
C ASP A 261 1.47 5.98 -15.49
N PHE A 262 1.73 5.60 -14.22
CA PHE A 262 0.72 5.83 -13.14
C PHE A 262 1.40 6.05 -11.78
N ASN A 263 0.83 6.93 -10.97
CA ASN A 263 1.56 7.33 -9.75
C ASN A 263 1.48 6.27 -8.65
N VAL A 264 0.35 5.59 -8.56
CA VAL A 264 0.20 4.58 -7.51
C VAL A 264 -0.16 3.28 -8.18
N GLY A 265 -0.91 2.42 -7.49
CA GLY A 265 -1.32 1.10 -8.07
C GLY A 265 -2.54 1.17 -9.03
N ALA A 266 -3.60 1.82 -8.59
CA ALA A 266 -4.81 1.89 -9.40
C ALA A 266 -5.80 2.86 -8.83
N MET A 267 -7.00 2.91 -9.43
CA MET A 267 -7.98 3.92 -9.09
C MET A 267 -9.34 3.40 -9.41
N GLU A 268 -10.28 3.59 -8.49
CA GLU A 268 -11.66 3.03 -8.58
C GLU A 268 -12.75 3.82 -9.30
N ASN A 269 -12.44 4.48 -10.42
CA ASN A 269 -13.51 5.27 -11.05
C ASN A 269 -14.67 4.40 -11.39
N LYS A 270 -15.87 4.89 -11.13
CA LYS A 270 -17.08 4.10 -11.24
C LYS A 270 -17.30 3.40 -12.56
N GLY A 271 -17.26 2.05 -12.54
CA GLY A 271 -17.32 1.20 -13.74
C GLY A 271 -16.18 1.27 -14.73
N LEU A 272 -15.11 2.01 -14.39
CA LEU A 272 -14.00 2.31 -15.30
C LEU A 272 -12.73 2.39 -14.40
N ASN A 273 -12.24 1.25 -13.92
CA ASN A 273 -11.07 1.25 -13.02
C ASN A 273 -9.82 1.33 -13.84
N ILE A 274 -8.92 2.21 -13.45
CA ILE A 274 -7.66 2.42 -14.24
C ILE A 274 -6.48 1.97 -13.37
N PHE A 275 -5.51 1.30 -13.98
CA PHE A 275 -4.44 0.60 -13.26
C PHE A 275 -3.08 0.94 -13.82
N ASN A 276 -2.14 1.04 -12.89
CA ASN A 276 -0.74 0.86 -13.23
C ASN A 276 -0.64 -0.52 -13.89
N ALA A 277 -0.06 -0.55 -15.09
CA ALA A 277 0.18 -1.79 -15.82
C ALA A 277 0.85 -2.86 -14.90
N ASN A 278 1.75 -2.41 -14.01
CA ASN A 278 2.43 -3.42 -13.14
C ASN A 278 1.50 -4.04 -12.10
N SER A 279 0.27 -3.52 -11.97
CA SER A 279 -0.70 -4.14 -11.06
C SER A 279 -1.92 -4.68 -11.79
N LEU A 280 -1.80 -4.82 -13.12
CA LEU A 280 -2.88 -5.53 -13.91
C LEU A 280 -2.37 -6.67 -14.83
N LEU A 281 -1.16 -6.53 -15.41
CA LEU A 281 -0.67 -7.45 -16.43
C LEU A 281 0.36 -8.41 -15.92
N ALA A 282 0.19 -9.67 -16.21
CA ALA A 282 1.17 -10.67 -15.91
C ALA A 282 1.08 -11.81 -16.94
N SER A 283 2.19 -12.50 -17.11
CA SER A 283 2.21 -13.83 -17.67
C SER A 283 3.29 -14.65 -16.95
N LYS A 284 3.22 -15.96 -17.11
CA LYS A 284 4.20 -16.80 -16.49
C LYS A 284 5.58 -16.60 -17.09
N LYS A 285 5.66 -16.35 -18.40
CA LYS A 285 6.93 -16.16 -19.05
C LYS A 285 7.58 -14.86 -18.72
N ASN A 286 6.78 -13.81 -18.54
CA ASN A 286 7.35 -12.48 -18.43
C ASN A 286 7.09 -11.73 -17.13
N SER A 287 6.65 -12.44 -16.07
CA SER A 287 6.43 -11.77 -14.75
C SER A 287 7.04 -12.62 -13.65
N ILE A 288 7.47 -11.96 -12.58
CA ILE A 288 7.92 -12.70 -11.43
C ILE A 288 6.67 -13.08 -10.66
N ASP A 289 6.84 -14.02 -9.73
CA ASP A 289 5.73 -14.58 -8.97
C ASP A 289 4.96 -13.50 -8.18
N PHE A 290 5.67 -12.50 -7.65
CA PHE A 290 5.01 -11.42 -6.87
C PHE A 290 3.86 -10.74 -7.64
N SER A 291 3.98 -10.57 -8.97
CA SER A 291 2.95 -9.92 -9.76
C SER A 291 1.56 -10.60 -9.62
N TYR A 292 1.53 -11.90 -9.37
CA TYR A 292 0.28 -12.61 -9.27
C TYR A 292 -0.48 -12.20 -8.01
N ALA A 293 0.14 -12.21 -6.86
CA ALA A 293 -0.57 -11.71 -5.64
C ALA A 293 -0.87 -10.21 -5.75
N ARG A 294 0.03 -9.47 -6.39
CA ARG A 294 -0.16 -8.02 -6.52
C ARG A 294 -1.41 -7.66 -7.33
N ILE A 295 -1.64 -8.37 -8.46
CA ILE A 295 -2.78 -8.08 -9.32
C ILE A 295 -4.03 -8.53 -8.58
N LEU A 296 -3.94 -9.65 -7.88
CA LEU A 296 -5.13 -10.12 -7.20
C LEU A 296 -5.55 -9.07 -6.11
N THR A 297 -4.58 -8.54 -5.38
CA THR A 297 -4.95 -7.61 -4.32
C THR A 297 -5.38 -6.25 -4.87
N VAL A 298 -4.74 -5.79 -5.95
CA VAL A 298 -5.12 -4.51 -6.51
C VAL A 298 -6.45 -4.58 -7.27
N VAL A 299 -6.65 -5.61 -8.12
CA VAL A 299 -8.00 -5.81 -8.71
C VAL A 299 -9.06 -5.93 -7.64
N GLY A 300 -8.80 -6.74 -6.61
CA GLY A 300 -9.72 -6.86 -5.47
C GLY A 300 -10.01 -5.51 -4.81
N HIS A 301 -8.94 -4.81 -4.44
CA HIS A 301 -9.10 -3.51 -3.75
C HIS A 301 -10.06 -2.57 -4.56
N GLU A 302 -9.77 -2.32 -5.84
CA GLU A 302 -10.61 -1.39 -6.63
C GLU A 302 -12.05 -1.90 -6.80
N TYR A 303 -12.22 -3.20 -6.88
CA TYR A 303 -13.58 -3.77 -6.92
C TYR A 303 -14.34 -3.52 -5.65
N PHE A 304 -13.64 -3.72 -4.53
CA PHE A 304 -14.35 -3.56 -3.27
C PHE A 304 -14.73 -2.07 -3.03
N HIS A 305 -14.00 -1.14 -3.67
CA HIS A 305 -14.30 0.31 -3.48
C HIS A 305 -15.71 0.56 -4.06
N GLN A 306 -16.23 -0.33 -4.92
CA GLN A 306 -17.53 -0.01 -5.56
C GLN A 306 -18.67 0.22 -4.50
N TYR A 307 -18.56 -0.48 -3.34
CA TYR A 307 -19.37 -0.20 -2.11
C TYR A 307 -18.77 0.79 -1.13
N THR A 308 -17.53 0.48 -0.72
CA THR A 308 -16.71 1.23 0.22
C THR A 308 -15.82 2.31 -0.43
N GLY A 309 -16.50 3.36 -0.84
CA GLY A 309 -15.92 4.53 -1.52
C GLY A 309 -16.94 5.10 -2.53
N ASN A 310 -17.57 4.19 -3.33
CA ASN A 310 -18.40 4.62 -4.47
C ASN A 310 -19.92 4.70 -4.19
N ARG A 311 -20.48 3.75 -3.47
CA ARG A 311 -21.92 3.81 -3.12
C ARG A 311 -22.15 4.39 -1.75
N VAL A 312 -21.23 4.11 -0.81
CA VAL A 312 -21.21 4.91 0.45
C VAL A 312 -20.02 5.85 0.32
N THR A 313 -20.28 7.14 0.24
CA THR A 313 -19.21 8.09 -0.10
C THR A 313 -18.70 8.95 1.06
N LEU A 314 -17.53 9.58 0.88
CA LEU A 314 -16.96 10.49 1.87
C LEU A 314 -17.50 11.89 1.80
N ARG A 315 -17.69 12.49 2.96
CA ARG A 315 -18.17 13.84 3.04
C ARG A 315 -17.03 14.80 2.77
N ASP A 316 -15.81 14.45 3.20
CA ASP A 316 -14.67 15.38 3.12
C ASP A 316 -13.47 14.43 3.21
N TRP A 317 -12.33 14.92 2.83
CA TRP A 317 -11.12 14.07 2.77
C TRP A 317 -10.58 13.64 4.09
N PHE A 318 -10.94 14.30 5.20
CA PHE A 318 -10.51 13.78 6.53
C PHE A 318 -11.01 12.41 6.84
N GLN A 319 -12.12 12.02 6.25
CA GLN A 319 -12.64 10.66 6.50
C GLN A 319 -12.00 9.64 5.55
N LEU A 320 -10.92 9.99 4.86
CA LEU A 320 -10.33 9.08 3.85
C LEU A 320 -10.12 7.61 4.36
N THR A 321 -9.73 7.45 5.64
CA THR A 321 -9.51 6.09 6.19
C THR A 321 -10.76 5.22 6.18
N LEU A 322 -11.92 5.89 6.26
CA LEU A 322 -13.20 5.19 6.18
C LEU A 322 -13.37 4.46 4.84
N LYS A 323 -12.91 5.06 3.75
CA LYS A 323 -12.96 4.30 2.48
C LYS A 323 -11.70 3.53 2.26
N GLU A 324 -10.55 4.08 2.61
CA GLU A 324 -9.32 3.32 2.26
C GLU A 324 -9.00 2.24 3.28
N GLY A 325 -9.12 2.58 4.54
CA GLY A 325 -8.77 1.55 5.60
C GLY A 325 -9.77 0.40 5.51
N LEU A 326 -11.01 0.73 5.23
CA LEU A 326 -11.99 -0.31 5.16
C LEU A 326 -11.85 -1.20 3.87
N THR A 327 -11.43 -0.57 2.76
CA THR A 327 -11.25 -1.29 1.50
C THR A 327 -10.01 -2.18 1.58
N VAL A 328 -8.94 -1.64 2.17
CA VAL A 328 -7.75 -2.48 2.45
C VAL A 328 -8.14 -3.70 3.34
N HIS A 329 -8.97 -3.51 4.35
CA HIS A 329 -9.39 -4.60 5.22
C HIS A 329 -10.17 -5.62 4.38
N ARG A 330 -11.07 -5.15 3.51
CA ARG A 330 -11.82 -6.06 2.64
C ARG A 330 -10.88 -6.78 1.66
N GLU A 331 -9.94 -6.03 1.10
CA GLU A 331 -8.89 -6.57 0.20
C GLU A 331 -8.06 -7.65 0.91
N ASN A 332 -7.67 -7.42 2.16
CA ASN A 332 -6.86 -8.39 2.89
C ASN A 332 -7.68 -9.61 3.22
N LEU A 333 -8.97 -9.51 3.59
CA LEU A 333 -9.76 -10.71 3.83
C LEU A 333 -9.90 -11.52 2.56
N PHE A 334 -10.07 -10.83 1.43
CA PHE A 334 -10.16 -11.56 0.14
C PHE A 334 -8.84 -12.27 -0.23
N SER A 335 -7.72 -11.56 -0.13
CA SER A 335 -6.39 -12.18 -0.39
C SER A 335 -6.14 -13.38 0.49
N GLU A 336 -6.38 -13.24 1.78
CA GLU A 336 -6.25 -14.38 2.67
C GLU A 336 -7.07 -15.57 2.21
N GLU A 337 -8.34 -15.36 1.85
CA GLU A 337 -9.21 -16.45 1.41
C GLU A 337 -8.79 -17.02 0.05
N MET A 338 -8.26 -16.19 -0.85
CA MET A 338 -7.92 -16.65 -2.21
C MET A 338 -6.60 -17.38 -2.21
N THR A 339 -5.66 -16.90 -1.42
CA THR A 339 -4.28 -17.55 -1.46
C THR A 339 -4.25 -18.80 -0.57
N LYS A 340 -5.05 -18.84 0.50
CA LYS A 340 -5.02 -19.93 1.48
C LYS A 340 -3.62 -20.27 2.04
N THR A 341 -2.74 -19.28 2.13
CA THR A 341 -1.42 -19.50 2.68
C THR A 341 -1.30 -18.59 3.94
N VAL A 342 -0.67 -19.08 5.02
CA VAL A 342 -0.48 -18.22 6.26
C VAL A 342 0.40 -17.00 6.02
N THR A 343 1.27 -17.06 5.00
CA THR A 343 2.20 -15.93 4.76
C THR A 343 1.48 -14.66 4.22
N THR A 344 0.24 -14.81 3.77
CA THR A 344 -0.48 -13.64 3.33
C THR A 344 -0.70 -12.64 4.50
N ARG A 345 -1.32 -13.10 5.58
CA ARG A 345 -1.49 -12.29 6.80
C ARG A 345 -0.11 -11.89 7.31
N LEU A 346 0.84 -12.81 7.36
CA LEU A 346 2.16 -12.43 7.89
C LEU A 346 2.75 -11.30 7.09
N SER A 347 2.59 -11.33 5.76
CA SER A 347 3.18 -10.27 4.94
C SER A 347 2.50 -8.86 5.24
N HIS A 348 1.20 -8.79 5.60
CA HIS A 348 0.54 -7.56 5.97
CA HIS A 348 0.61 -7.45 5.93
C HIS A 348 1.10 -7.02 7.30
N VAL A 349 1.36 -7.95 8.22
CA VAL A 349 1.92 -7.58 9.51
C VAL A 349 3.38 -7.09 9.27
N ASP A 350 4.12 -7.77 8.40
CA ASP A 350 5.49 -7.41 8.14
C ASP A 350 5.57 -5.99 7.62
N LEU A 351 4.64 -5.63 6.74
CA LEU A 351 4.54 -4.32 6.17
C LEU A 351 4.18 -3.25 7.25
N LEU A 352 3.12 -3.49 8.01
CA LEU A 352 2.73 -2.54 9.08
C LEU A 352 3.90 -2.28 10.06
N ARG A 353 4.45 -3.34 10.62
CA ARG A 353 5.51 -3.17 11.67
C ARG A 353 6.84 -2.60 11.15
N SER A 354 7.12 -2.69 9.86
CA SER A 354 8.34 -2.07 9.33
C SER A 354 8.03 -0.64 8.90
N VAL A 355 7.25 -0.48 7.85
CA VAL A 355 6.98 0.81 7.27
C VAL A 355 6.06 1.72 8.08
N GLN A 356 4.92 1.19 8.50
CA GLN A 356 3.95 2.05 9.21
C GLN A 356 4.39 2.40 10.60
N PHE A 357 4.97 1.47 11.34
CA PHE A 357 5.50 1.82 12.69
C PHE A 357 6.61 2.87 12.58
N LEU A 358 7.38 2.81 11.52
CA LEU A 358 8.46 3.78 11.33
C LEU A 358 7.79 5.14 11.11
N GLU A 359 6.74 5.15 10.31
CA GLU A 359 6.08 6.41 10.06
C GLU A 359 5.49 6.92 11.38
N ASP A 360 4.86 6.04 12.16
CA ASP A 360 4.19 6.47 13.38
C ASP A 360 5.10 6.97 14.53
N SER A 361 6.40 6.72 14.45
CA SER A 361 7.35 7.21 15.43
C SER A 361 8.26 8.34 14.82
N SER A 362 7.96 8.74 13.58
CA SER A 362 8.64 9.84 12.86
C SER A 362 7.90 11.16 13.07
N PRO A 363 8.54 12.27 12.71
CA PRO A 363 7.91 13.61 12.73
C PRO A 363 6.67 13.71 11.85
N LEU A 364 6.52 12.77 10.92
CA LEU A 364 5.31 12.71 10.05
C LEU A 364 4.12 12.04 10.72
N SER A 365 4.30 11.51 11.96
CA SER A 365 3.21 10.73 12.67
C SER A 365 1.86 11.48 12.67
N HIS A 366 0.77 10.76 12.39
CA HIS A 366 -0.57 11.34 12.35
C HIS A 366 -1.52 10.24 12.69
N PRO A 367 -2.69 10.58 13.23
CA PRO A 367 -3.70 9.56 13.42
C PRO A 367 -4.30 9.11 12.07
N ILE A 368 -5.13 8.05 12.07
CA ILE A 368 -5.65 7.51 10.79
C ILE A 368 -6.73 8.52 10.29
N ARG A 369 -7.33 9.29 11.20
CA ARG A 369 -8.09 10.50 10.83
C ARG A 369 -7.40 11.83 11.25
N PRO A 370 -6.59 12.42 10.37
CA PRO A 370 -5.88 13.63 10.78
C PRO A 370 -6.80 14.86 11.07
N GLU A 371 -6.27 15.86 11.77
CA GLU A 371 -7.07 17.06 12.07
C GLU A 371 -6.82 18.19 11.08
N SER A 372 -5.78 18.07 10.28
CA SER A 372 -5.44 19.08 9.28
C SER A 372 -4.68 18.50 8.10
N TYR A 373 -4.71 19.19 6.98
CA TYR A 373 -3.77 18.92 5.91
C TYR A 373 -3.43 20.20 5.15
N VAL A 374 -2.39 20.13 4.33
CA VAL A 374 -2.01 21.18 3.40
C VAL A 374 -2.06 20.57 1.98
N SER A 375 -1.42 19.41 1.80
CA SER A 375 -1.43 18.74 0.49
C SER A 375 -2.17 17.39 0.53
N MET A 376 -3.32 17.30 -0.14
CA MET A 376 -4.05 16.04 -0.34
C MET A 376 -3.15 15.05 -1.09
N GLU A 377 -2.24 15.57 -1.90
CA GLU A 377 -1.29 14.70 -2.58
C GLU A 377 -0.42 13.84 -1.61
N ASN A 378 -0.26 14.27 -0.35
CA ASN A 378 0.64 13.54 0.57
C ASN A 378 -0.14 12.85 1.69
N PHE A 379 -1.46 12.92 1.63
CA PHE A 379 -2.36 12.33 2.66
C PHE A 379 -2.63 10.83 2.52
N TYR A 380 -2.26 10.23 1.39
CA TYR A 380 -2.56 8.83 1.12
C TYR A 380 -1.42 7.99 1.65
N THR A 381 -1.47 7.71 2.97
CA THR A 381 -0.29 7.15 3.64
C THR A 381 -0.49 5.74 4.14
N THR A 382 0.61 5.05 4.54
CA THR A 382 0.51 3.76 5.17
C THR A 382 -0.29 3.84 6.48
N THR A 383 -0.21 4.96 7.21
CA THR A 383 -0.99 5.08 8.44
C THR A 383 -2.50 5.03 8.03
N VAL A 384 -2.91 5.88 7.07
CA VAL A 384 -4.39 5.90 6.70
C VAL A 384 -4.90 4.57 6.12
N TYR A 385 -4.06 3.94 5.28
CA TYR A 385 -4.40 2.68 4.60
C TYR A 385 -4.17 1.51 5.49
N ASP A 386 -2.93 1.35 5.98
CA ASP A 386 -2.65 0.05 6.65
C ASP A 386 -2.96 0.01 8.14
N LYS A 387 -2.58 1.04 8.91
CA LYS A 387 -3.12 1.04 10.27
C LYS A 387 -4.65 1.25 10.20
N GLY A 388 -5.15 2.07 9.27
CA GLY A 388 -6.66 2.19 9.11
C GLY A 388 -7.22 0.75 8.92
N SER A 389 -6.62 -0.04 8.04
CA SER A 389 -7.08 -1.42 7.84
CA SER A 389 -7.05 -1.43 7.83
C SER A 389 -7.03 -2.28 9.13
N GLU A 390 -5.94 -2.17 9.92
CA GLU A 390 -5.93 -2.87 11.18
C GLU A 390 -6.99 -2.40 12.17
N VAL A 391 -7.29 -1.12 12.19
CA VAL A 391 -8.42 -0.65 12.97
C VAL A 391 -9.81 -1.22 12.50
N MET A 392 -10.01 -1.29 11.18
CA MET A 392 -11.24 -1.83 10.61
C MET A 392 -11.22 -3.34 10.90
N ARG A 393 -10.05 -3.97 10.88
CA ARG A 393 -10.02 -5.45 11.14
C ARG A 393 -10.30 -5.76 12.65
N MET A 394 -9.91 -4.85 13.54
CA MET A 394 -10.22 -5.06 14.97
C MET A 394 -11.72 -5.18 15.26
N TYR A 395 -12.58 -4.45 14.56
CA TYR A 395 -14.03 -4.66 14.73
C TYR A 395 -14.42 -6.12 14.51
N LEU A 396 -13.85 -6.74 13.48
CA LEU A 396 -14.14 -8.16 13.22
C LEU A 396 -13.60 -9.07 14.34
N THR A 397 -12.36 -8.88 14.75
CA THR A 397 -11.88 -9.58 15.95
C THR A 397 -12.80 -9.42 17.21
N ILE A 398 -13.24 -8.21 17.50
CA ILE A 398 -14.08 -7.94 18.65
C ILE A 398 -15.45 -8.61 18.50
N LEU A 399 -16.06 -8.49 17.32
CA LEU A 399 -17.42 -9.00 17.15
C LEU A 399 -17.53 -10.46 16.71
N GLY A 400 -16.49 -10.98 16.08
CA GLY A 400 -16.62 -12.23 15.30
C GLY A 400 -17.43 -12.05 13.98
N GLU A 401 -17.33 -13.06 13.17
CA GLU A 401 -17.84 -13.08 11.81
C GLU A 401 -19.32 -12.77 11.66
N GLU A 402 -20.20 -13.56 12.33
CA GLU A 402 -21.63 -13.27 12.34
C GLU A 402 -21.96 -11.82 12.73
N TYR A 403 -21.57 -11.36 13.92
CA TYR A 403 -21.94 -9.98 14.30
C TYR A 403 -21.21 -8.89 13.49
N TYR A 404 -19.99 -9.21 13.03
CA TYR A 404 -19.26 -8.21 12.21
C TYR A 404 -20.10 -7.99 10.91
N LYS A 405 -20.44 -9.12 10.25
CA LYS A 405 -21.26 -9.07 9.04
C LYS A 405 -22.55 -8.36 9.31
N LYS A 406 -23.16 -8.51 10.51
CA LYS A 406 -24.41 -7.76 10.80
C LYS A 406 -24.17 -6.28 10.90
N GLY A 407 -23.10 -5.87 11.60
CA GLY A 407 -22.82 -4.44 11.72
C GLY A 407 -22.41 -3.78 10.41
N PHE A 408 -21.71 -4.53 9.56
CA PHE A 408 -21.31 -4.00 8.26
C PHE A 408 -22.59 -3.78 7.42
N ASP A 409 -23.52 -4.77 7.49
CA ASP A 409 -24.77 -4.70 6.68
C ASP A 409 -25.55 -3.54 7.15
N ILE A 410 -25.63 -3.36 8.49
CA ILE A 410 -26.13 -2.10 9.10
C ILE A 410 -25.55 -0.82 8.52
N TYR A 411 -24.23 -0.70 8.49
CA TYR A 411 -23.62 0.48 7.87
C TYR A 411 -23.98 0.64 6.37
N ILE A 412 -23.93 -0.46 5.61
CA ILE A 412 -24.14 -0.35 4.15
C ILE A 412 -25.63 -0.02 3.91
N LYS A 413 -26.53 -0.70 4.64
CA LYS A 413 -28.02 -0.46 4.49
C LYS A 413 -28.36 0.99 4.78
N LYS A 414 -27.81 1.56 5.84
CA LYS A 414 -28.22 2.88 6.28
C LYS A 414 -27.57 3.98 5.44
N ASN A 415 -26.38 3.71 4.88
CA ASN A 415 -25.57 4.79 4.29
C ASN A 415 -25.38 4.64 2.76
N ASP A 416 -25.92 3.56 2.18
CA ASP A 416 -25.95 3.43 0.69
C ASP A 416 -26.81 4.59 0.20
N GLY A 417 -26.18 5.61 -0.36
CA GLY A 417 -26.83 6.88 -0.17
C GLY A 417 -26.03 7.94 -0.83
N ASN A 418 -25.18 8.71 -0.15
CA ASN A 418 -25.20 9.25 1.22
C ASN A 418 -23.75 9.24 1.66
N THR A 419 -23.25 10.43 2.02
CA THR A 419 -21.90 10.59 2.57
C THR A 419 -21.94 9.97 3.98
N ALA A 420 -20.78 9.64 4.53
CA ALA A 420 -20.67 9.14 5.89
C ALA A 420 -19.37 9.65 6.51
N THR A 421 -19.25 9.47 7.82
CA THR A 421 -18.02 9.81 8.56
C THR A 421 -17.62 8.56 9.36
N CYS A 422 -16.38 8.52 9.87
CA CYS A 422 -15.93 7.44 10.74
C CYS A 422 -16.88 7.13 11.92
N GLU A 423 -17.49 8.15 12.52
CA GLU A 423 -18.50 7.93 13.63
C GLU A 423 -19.69 7.07 13.19
N ASP A 424 -20.03 7.15 11.89
CA ASP A 424 -21.18 6.37 11.36
C ASP A 424 -20.79 4.91 11.32
N PHE A 425 -19.54 4.67 10.91
CA PHE A 425 -19.08 3.29 10.92
C PHE A 425 -19.07 2.75 12.35
N ASN A 426 -18.54 3.55 13.27
CA ASN A 426 -18.43 3.15 14.63
C ASN A 426 -19.81 2.88 15.22
N TYR A 427 -20.76 3.75 14.90
CA TYR A 427 -22.16 3.54 15.32
C TYR A 427 -22.71 2.18 14.89
N ALA A 428 -22.60 1.86 13.60
CA ALA A 428 -22.99 0.55 13.09
C ALA A 428 -22.35 -0.67 13.80
N MET A 429 -21.03 -0.62 14.01
CA MET A 429 -20.36 -1.69 14.80
C MET A 429 -20.87 -1.73 16.24
N GLU A 430 -21.13 -0.57 16.81
CA GLU A 430 -21.68 -0.50 18.19
C GLU A 430 -23.03 -1.25 18.29
N GLN A 431 -23.91 -1.10 17.27
CA GLN A 431 -25.24 -1.70 17.31
C GLN A 431 -25.07 -3.23 17.32
N ALA A 432 -24.11 -3.72 16.54
CA ALA A 432 -23.74 -5.14 16.56
C ALA A 432 -23.09 -5.53 17.92
N TYR A 433 -22.43 -4.57 18.55
CA TYR A 433 -21.72 -4.83 19.81
C TYR A 433 -22.78 -4.96 20.92
N LYS A 434 -23.72 -4.02 20.97
CA LYS A 434 -24.89 -4.11 21.88
C LYS A 434 -25.55 -5.48 21.70
N MET A 435 -25.87 -5.86 20.46
CA MET A 435 -26.52 -7.15 20.22
C MET A 435 -25.67 -8.35 20.62
N LYS A 436 -24.35 -8.27 20.39
CA LYS A 436 -23.44 -9.35 20.81
C LYS A 436 -23.37 -9.50 22.33
N LYS A 437 -23.21 -8.40 23.05
CA LYS A 437 -23.10 -8.46 24.50
C LYS A 437 -24.50 -8.81 25.08
N ALA A 438 -25.53 -8.62 24.25
CA ALA A 438 -26.93 -8.68 24.67
C ALA A 438 -27.07 -7.73 25.86
N ASP A 439 -26.63 -6.50 25.68
CA ASP A 439 -26.64 -5.51 26.72
C ASP A 439 -26.59 -4.16 26.03
N ASN A 440 -27.67 -3.39 26.14
CA ASN A 440 -27.81 -2.14 25.36
C ASN A 440 -27.27 -0.89 25.99
N SER A 441 -26.55 -1.10 27.09
CA SER A 441 -25.83 -0.04 27.74
C SER A 441 -24.42 -0.03 27.15
N ALA A 442 -24.01 -1.20 26.60
CA ALA A 442 -22.65 -1.45 26.07
C ALA A 442 -22.43 -0.56 24.88
N ASN A 443 -21.22 0.01 24.81
CA ASN A 443 -20.93 0.99 23.79
C ASN A 443 -19.44 0.94 23.33
N LEU A 444 -19.15 1.60 22.19
CA LEU A 444 -17.78 1.61 21.59
C LEU A 444 -17.21 2.99 21.56
N ASN A 445 -17.56 3.79 22.55
CA ASN A 445 -17.15 5.17 22.61
C ASN A 445 -15.64 5.40 22.67
N GLN A 446 -15.00 4.60 23.51
CA GLN A 446 -13.54 4.63 23.68
C GLN A 446 -12.87 4.18 22.35
N TYR A 447 -13.52 3.29 21.60
CA TYR A 447 -12.97 2.85 20.27
C TYR A 447 -12.58 4.01 19.36
N LEU A 448 -13.33 5.13 19.47
CA LEU A 448 -13.13 6.29 18.64
C LEU A 448 -11.74 6.83 18.75
N LEU A 449 -11.06 6.56 19.88
CA LEU A 449 -9.66 7.07 20.04
C LEU A 449 -8.73 6.42 19.00
N TRP A 450 -9.12 5.26 18.48
CA TRP A 450 -8.28 4.72 17.41
C TRP A 450 -8.23 5.60 16.17
N PHE A 451 -9.31 6.38 15.95
CA PHE A 451 -9.31 7.30 14.83
C PHE A 451 -8.53 8.54 15.15
N SER A 452 -8.55 9.01 16.40
CA SER A 452 -8.01 10.36 16.74
C SER A 452 -6.58 10.39 17.31
N GLN A 453 -6.18 9.27 17.92
CA GLN A 453 -4.85 9.22 18.61
C GLN A 453 -3.75 8.64 17.71
N SER A 454 -2.63 9.37 17.58
CA SER A 454 -1.46 8.98 16.75
C SER A 454 -0.44 8.17 17.60
N GLY A 455 0.49 7.52 16.93
CA GLY A 455 1.47 6.66 17.66
C GLY A 455 1.06 5.21 17.87
N THR A 456 2.06 4.37 18.11
CA THR A 456 1.85 2.93 18.22
C THR A 456 1.77 2.66 19.74
N PRO A 457 0.67 2.04 20.21
CA PRO A 457 0.64 1.68 21.66
C PRO A 457 1.65 0.57 21.91
N HIS A 458 2.25 0.59 23.09
CA HIS A 458 3.10 -0.51 23.56
C HIS A 458 2.29 -1.34 24.56
N VAL A 459 2.29 -2.65 24.41
CA VAL A 459 1.52 -3.49 25.31
C VAL A 459 2.50 -4.51 25.95
N SER A 460 2.58 -4.54 27.28
CA SER A 460 3.54 -5.37 28.02
C SER A 460 2.83 -6.30 29.04
N PHE A 461 3.55 -7.32 29.45
CA PHE A 461 2.99 -8.45 30.10
C PHE A 461 3.83 -8.94 31.27
N LYS A 462 3.13 -9.26 32.36
CA LYS A 462 3.73 -10.11 33.50
C LYS A 462 2.79 -11.26 33.83
N TYR A 463 3.31 -12.31 34.43
CA TYR A 463 2.49 -13.51 34.59
C TYR A 463 2.55 -14.02 36.01
N ASN A 464 1.55 -14.78 36.42
CA ASN A 464 1.63 -15.52 37.71
C ASN A 464 0.89 -16.85 37.59
N TYR A 465 1.54 -17.90 38.05
CA TYR A 465 0.91 -19.19 38.15
C TYR A 465 0.94 -19.72 39.60
N ASP A 466 -0.23 -20.05 40.14
CA ASP A 466 -0.29 -20.67 41.45
C ASP A 466 -0.62 -22.16 41.27
N ALA A 467 0.39 -23.02 41.45
CA ALA A 467 0.27 -24.44 41.09
C ALA A 467 -0.73 -25.17 41.98
N GLU A 468 -0.79 -24.81 43.27
CA GLU A 468 -1.79 -25.37 44.18
C GLU A 468 -3.21 -24.96 43.78
N LYS A 469 -3.44 -23.66 43.51
CA LYS A 469 -4.76 -23.21 43.12
C LYS A 469 -5.13 -23.53 41.66
N LYS A 470 -4.19 -23.92 40.81
CA LYS A 470 -4.50 -24.09 39.33
C LYS A 470 -4.99 -22.76 38.70
N GLN A 471 -4.35 -21.66 39.12
CA GLN A 471 -4.85 -20.29 38.85
C GLN A 471 -3.76 -19.50 38.16
N TYR A 472 -4.07 -19.03 36.97
CA TYR A 472 -3.06 -18.37 36.11
C TYR A 472 -3.47 -16.93 35.89
N SER A 473 -2.51 -15.99 35.96
CA SER A 473 -2.89 -14.56 35.84
C SER A 473 -2.00 -13.92 34.76
N ILE A 474 -2.63 -13.15 33.91
CA ILE A 474 -1.91 -12.34 32.93
C ILE A 474 -2.15 -10.90 33.31
N HIS A 475 -1.04 -10.22 33.69
CA HIS A 475 -1.07 -8.79 34.03
CA HIS A 475 -1.15 -8.79 34.00
C HIS A 475 -0.71 -7.98 32.79
N VAL A 476 -1.61 -7.13 32.29
CA VAL A 476 -1.32 -6.39 31.07
C VAL A 476 -1.27 -4.89 31.33
N ASN A 477 -0.38 -4.22 30.58
CA ASN A 477 -0.16 -2.81 30.64
C ASN A 477 -0.11 -2.24 29.20
N GLN A 478 -0.69 -1.02 29.00
CA GLN A 478 -0.56 -0.33 27.71
C GLN A 478 -0.04 1.11 27.92
N TYR A 479 0.70 1.60 26.96
CA TYR A 479 1.26 2.91 27.06
C TYR A 479 1.47 3.34 25.61
N THR A 480 1.20 4.61 25.33
CA THR A 480 1.54 5.24 24.03
C THR A 480 2.39 6.48 24.38
N LYS A 481 3.53 6.64 23.69
CA LYS A 481 4.43 7.77 23.93
C LYS A 481 3.74 9.05 23.48
N PRO A 482 3.79 10.11 24.31
CA PRO A 482 3.35 11.43 23.87
C PRO A 482 4.09 11.81 22.59
N ASP A 483 3.46 12.60 21.73
CA ASP A 483 4.05 13.06 20.46
C ASP A 483 3.42 14.40 20.15
N GLU A 484 3.64 14.92 18.95
CA GLU A 484 3.15 16.30 18.64
C GLU A 484 1.63 16.50 18.59
N ASN A 485 0.87 15.41 18.51
CA ASN A 485 -0.56 15.47 18.31
C ASN A 485 -1.38 15.31 19.59
N GLN A 486 -0.83 14.59 20.57
CA GLN A 486 -1.40 14.55 21.89
C GLN A 486 -0.28 14.56 22.95
N LYS A 487 -0.36 15.53 23.87
CA LYS A 487 0.54 15.55 25.06
C LYS A 487 0.28 14.37 26.01
N GLU A 488 -1.01 14.07 26.24
CA GLU A 488 -1.47 13.02 27.15
C GLU A 488 -2.21 11.95 26.32
N LYS A 489 -1.74 10.71 26.32
CA LYS A 489 -2.32 9.69 25.43
C LYS A 489 -3.31 8.87 26.29
N LYS A 490 -4.55 8.69 25.86
CA LYS A 490 -5.50 7.97 26.70
C LYS A 490 -5.42 6.46 26.41
N PRO A 491 -5.82 5.62 27.38
CA PRO A 491 -5.82 4.16 27.04
C PRO A 491 -6.82 3.86 25.92
N LEU A 492 -6.39 3.01 24.98
CA LEU A 492 -7.26 2.50 23.93
C LEU A 492 -8.02 1.20 24.24
N PHE A 493 -9.03 0.89 23.40
CA PHE A 493 -9.78 -0.38 23.47
C PHE A 493 -9.01 -1.42 22.67
N ILE A 494 -8.30 -2.31 23.40
CA ILE A 494 -7.32 -3.19 22.75
C ILE A 494 -7.73 -4.64 22.89
N PRO A 495 -8.07 -5.29 21.76
CA PRO A 495 -8.58 -6.67 21.83
C PRO A 495 -7.38 -7.62 21.73
N ILE A 496 -7.21 -8.54 22.68
CA ILE A 496 -5.97 -9.35 22.72
C ILE A 496 -6.41 -10.76 22.58
N SER A 497 -6.29 -11.32 21.36
CA SER A 497 -6.69 -12.73 21.13
C SER A 497 -5.64 -13.58 21.72
N VAL A 498 -6.03 -14.54 22.55
CA VAL A 498 -4.96 -15.31 23.30
C VAL A 498 -5.25 -16.74 23.29
N GLY A 499 -4.19 -17.50 23.46
CA GLY A 499 -4.36 -18.94 23.76
C GLY A 499 -3.41 -19.30 24.92
N LEU A 500 -3.57 -20.48 25.53
CA LEU A 500 -2.59 -20.91 26.56
C LEU A 500 -2.10 -22.25 26.15
N ILE A 501 -0.78 -22.40 25.96
CA ILE A 501 -0.29 -23.65 25.40
C ILE A 501 0.35 -24.46 26.56
N ASN A 502 0.00 -25.76 26.66
CA ASN A 502 0.62 -26.69 27.62
C ASN A 502 2.05 -26.99 27.07
N PRO A 503 3.09 -26.60 27.82
CA PRO A 503 4.50 -26.78 27.37
C PRO A 503 4.93 -28.27 27.31
N GLU A 504 4.23 -29.13 28.03
CA GLU A 504 4.44 -30.58 28.00
C GLU A 504 4.01 -31.28 26.70
N ASN A 505 2.91 -30.89 26.06
CA ASN A 505 2.38 -31.65 24.94
C ASN A 505 1.93 -30.72 23.78
N GLY A 506 2.11 -29.40 23.95
CA GLY A 506 1.80 -28.47 22.86
C GLY A 506 0.32 -28.20 22.67
N LYS A 507 -0.52 -28.70 23.56
CA LYS A 507 -2.00 -28.52 23.40
C LYS A 507 -2.61 -27.20 23.88
N GLU A 508 -3.76 -26.78 23.31
CA GLU A 508 -4.49 -25.62 23.77
C GLU A 508 -5.12 -25.90 25.14
N MET A 509 -5.06 -24.97 26.07
CA MET A 509 -5.65 -25.21 27.35
C MET A 509 -6.96 -24.51 27.54
N ILE A 510 -7.26 -23.52 26.71
CA ILE A 510 -8.52 -22.80 26.78
C ILE A 510 -9.13 -22.64 25.38
N SER A 511 -10.44 -22.37 25.35
CA SER A 511 -11.12 -22.00 24.10
C SER A 511 -10.66 -20.65 23.61
N GLN A 512 -11.07 -20.32 22.38
CA GLN A 512 -10.85 -18.98 21.78
C GLN A 512 -11.23 -17.93 22.79
N THR A 513 -10.35 -16.96 23.05
CA THR A 513 -10.65 -15.97 24.08
C THR A 513 -10.00 -14.72 23.56
N THR A 514 -10.75 -13.63 23.56
CA THR A 514 -10.23 -12.33 23.26
C THR A 514 -10.40 -11.45 24.49
N LEU A 515 -9.29 -11.10 25.14
CA LEU A 515 -9.21 -10.12 26.23
C LEU A 515 -9.50 -8.71 25.73
N GLU A 516 -10.35 -7.99 26.45
CA GLU A 516 -10.77 -6.66 26.04
C GLU A 516 -10.06 -5.75 27.03
N LEU A 517 -8.90 -5.21 26.64
CA LEU A 517 -8.15 -4.37 27.57
C LEU A 517 -8.65 -2.93 27.31
N THR A 518 -9.23 -2.31 28.32
CA THR A 518 -9.83 -1.00 28.11
C THR A 518 -9.21 0.00 29.09
N LYS A 519 -8.28 -0.44 29.93
CA LYS A 519 -7.70 0.53 30.89
C LYS A 519 -6.18 0.59 30.74
N GLU A 520 -5.52 1.51 31.42
CA GLU A 520 -4.06 1.52 31.40
C GLU A 520 -3.42 0.16 31.80
N SER A 521 -4.04 -0.57 32.71
CA SER A 521 -3.60 -1.92 33.01
C SER A 521 -4.79 -2.75 33.50
N ASP A 522 -4.70 -4.08 33.39
CA ASP A 522 -5.74 -4.94 33.93
C ASP A 522 -5.13 -6.31 34.25
N THR A 523 -5.79 -7.09 35.09
CA THR A 523 -5.26 -8.40 35.39
C THR A 523 -6.34 -9.41 34.97
N PHE A 524 -5.98 -10.35 34.07
CA PHE A 524 -6.89 -11.39 33.57
C PHE A 524 -6.57 -12.72 34.25
N VAL A 525 -7.50 -13.29 34.99
CA VAL A 525 -7.25 -14.51 35.79
C VAL A 525 -8.00 -15.66 35.17
N PHE A 526 -7.37 -16.83 35.08
CA PHE A 526 -8.01 -18.05 34.57
C PHE A 526 -7.90 -19.14 35.64
N ASN A 527 -9.05 -19.74 36.00
CA ASN A 527 -9.08 -20.87 36.87
C ASN A 527 -8.98 -22.24 36.19
N ASN A 528 -8.76 -23.28 36.99
CA ASN A 528 -8.66 -24.64 36.44
C ASN A 528 -7.63 -24.75 35.31
N ILE A 529 -6.44 -24.21 35.52
CA ILE A 529 -5.33 -24.31 34.59
C ILE A 529 -4.35 -25.29 35.19
N ALA A 530 -4.30 -26.51 34.64
CA ALA A 530 -3.72 -27.69 35.34
C ALA A 530 -2.21 -27.60 35.46
N VAL A 531 -1.60 -26.91 34.54
CA VAL A 531 -0.14 -26.85 34.55
C VAL A 531 0.19 -25.40 34.13
N LYS A 532 1.40 -24.97 34.41
CA LYS A 532 1.81 -23.61 34.00
C LYS A 532 1.89 -23.53 32.48
N PRO A 533 1.14 -22.60 31.88
CA PRO A 533 1.07 -22.52 30.40
C PRO A 533 2.10 -21.55 29.84
N ILE A 534 2.38 -21.67 28.55
CA ILE A 534 3.04 -20.59 27.79
C ILE A 534 1.90 -19.83 27.07
N PRO A 535 1.82 -18.52 27.31
CA PRO A 535 0.78 -17.68 26.70
C PRO A 535 1.11 -17.35 25.25
N SER A 536 0.09 -17.50 24.39
CA SER A 536 0.17 -17.24 22.98
C SER A 536 -0.62 -15.96 22.81
N LEU A 537 0.11 -14.87 22.63
CA LEU A 537 -0.52 -13.51 22.78
C LEU A 537 -0.68 -12.74 21.45
N PHE A 538 -1.82 -12.03 21.25
CA PHE A 538 -2.07 -11.30 20.01
C PHE A 538 -2.11 -12.21 18.80
N ARG A 539 -2.77 -13.35 18.94
CA ARG A 539 -2.88 -14.22 17.81
C ARG A 539 -3.48 -13.49 16.60
N GLY A 540 -2.95 -13.82 15.40
CA GLY A 540 -3.44 -13.17 14.16
C GLY A 540 -2.91 -11.75 14.11
N PHE A 541 -2.06 -11.33 15.10
CA PHE A 541 -1.68 -9.91 15.35
C PHE A 541 -2.95 -9.09 15.55
N SER A 542 -3.56 -9.24 16.76
CA SER A 542 -4.95 -8.77 16.94
C SER A 542 -5.13 -7.26 17.26
N ALA A 543 -4.04 -6.53 17.43
CA ALA A 543 -4.06 -5.06 17.53
C ALA A 543 -2.71 -4.53 17.04
N PRO A 544 -2.69 -3.34 16.42
CA PRO A 544 -1.50 -2.74 15.81
C PRO A 544 -0.64 -2.08 16.91
N VAL A 545 0.19 -2.91 17.61
CA VAL A 545 0.83 -2.48 18.89
C VAL A 545 2.21 -3.09 18.85
N TYR A 546 3.13 -2.48 19.60
CA TYR A 546 4.37 -3.13 19.99
C TYR A 546 4.01 -4.13 21.08
N ILE A 547 4.28 -5.38 20.81
CA ILE A 547 4.08 -6.47 21.76
C ILE A 547 5.36 -6.78 22.51
N GLU A 548 5.31 -6.60 23.84
CA GLU A 548 6.45 -6.95 24.72
C GLU A 548 6.01 -8.15 25.55
N ASP A 549 6.35 -9.35 25.09
CA ASP A 549 5.76 -10.61 25.63
C ASP A 549 6.45 -11.05 26.95
N GLN A 550 7.66 -10.53 27.19
CA GLN A 550 8.51 -10.88 28.36
C GLN A 550 8.62 -12.36 28.56
N LEU A 551 8.71 -13.10 27.46
CA LEU A 551 8.90 -14.55 27.58
C LEU A 551 10.39 -14.86 27.43
N THR A 552 10.80 -16.01 27.93
CA THR A 552 12.21 -16.39 27.83
C THR A 552 12.40 -16.94 26.41
N ASP A 553 13.63 -17.07 25.92
CA ASP A 553 13.77 -17.69 24.61
C ASP A 553 13.35 -19.15 24.62
N GLU A 554 13.48 -19.84 25.75
CA GLU A 554 12.98 -21.25 25.79
C GLU A 554 11.43 -21.31 25.61
N GLU A 555 10.72 -20.37 26.22
CA GLU A 555 9.27 -20.29 25.96
C GLU A 555 8.95 -19.91 24.48
N ARG A 556 9.70 -18.95 23.94
CA ARG A 556 9.52 -18.53 22.59
C ARG A 556 9.78 -19.68 21.64
N ILE A 557 10.82 -20.46 21.89
CA ILE A 557 11.11 -21.61 21.09
C ILE A 557 9.99 -22.64 21.18
N LEU A 558 9.43 -22.85 22.36
CA LEU A 558 8.30 -23.75 22.47
C LEU A 558 7.09 -23.27 21.63
N LEU A 559 6.81 -21.97 21.63
CA LEU A 559 5.66 -21.44 20.82
C LEU A 559 5.99 -21.66 19.36
N LEU A 560 7.23 -21.38 19.03
CA LEU A 560 7.67 -21.43 17.60
C LEU A 560 7.47 -22.86 17.08
N LYS A 561 7.80 -23.86 17.90
CA LYS A 561 7.56 -25.25 17.54
C LYS A 561 6.11 -25.68 17.64
N TYR A 562 5.41 -25.27 18.69
CA TYR A 562 4.20 -26.00 19.09
C TYR A 562 2.88 -25.20 19.04
N ASP A 563 2.97 -23.89 18.88
CA ASP A 563 1.75 -23.07 18.92
C ASP A 563 0.90 -23.31 17.68
N SER A 564 -0.40 -22.98 17.70
CA SER A 564 -1.28 -23.18 16.57
C SER A 564 -1.44 -21.92 15.75
N ASP A 565 -0.98 -20.78 16.25
CA ASP A 565 -1.26 -19.56 15.55
C ASP A 565 -0.04 -19.14 14.73
N ALA A 566 -0.15 -18.94 13.41
CA ALA A 566 1.01 -18.61 12.64
C ALA A 566 1.67 -17.32 13.06
N PHE A 567 0.91 -16.28 13.33
CA PHE A 567 1.53 -15.04 13.69
C PHE A 567 2.30 -15.19 15.01
N VAL A 568 1.73 -15.87 15.99
CA VAL A 568 2.49 -15.97 17.24
C VAL A 568 3.84 -16.75 17.09
N ARG A 569 3.82 -17.78 16.26
CA ARG A 569 5.01 -18.55 16.00
C ARG A 569 6.05 -17.65 15.35
N TYR A 570 5.63 -16.92 14.32
CA TYR A 570 6.54 -15.96 13.62
C TYR A 570 7.01 -14.84 14.53
N ASN A 571 6.12 -14.26 15.32
CA ASN A 571 6.47 -13.23 16.31
C ASN A 571 7.42 -13.77 17.37
N SER A 572 7.20 -14.98 17.86
CA SER A 572 8.16 -15.55 18.83
C SER A 572 9.56 -15.62 18.21
N CYS A 573 9.67 -16.09 16.97
CA CYS A 573 10.94 -16.19 16.27
C CYS A 573 11.54 -14.79 16.09
N THR A 574 10.69 -13.83 15.65
CA THR A 574 11.10 -12.43 15.56
C THR A 574 11.71 -11.84 16.87
N ASN A 575 11.07 -12.16 17.99
CA ASN A 575 11.51 -11.64 19.29
C ASN A 575 12.83 -12.31 19.73
N ILE A 576 13.04 -13.60 19.37
CA ILE A 576 14.33 -14.25 19.64
C ILE A 576 15.42 -13.51 18.83
N TYR A 577 15.14 -13.25 17.53
CA TYR A 577 16.12 -12.54 16.70
C TYR A 577 16.40 -11.14 17.20
N MET A 578 15.38 -10.39 17.53
CA MET A 578 15.59 -9.07 18.08
C MET A 578 16.44 -9.05 19.40
N LYS A 579 16.20 -10.00 20.34
CA LYS A 579 17.00 -10.07 21.55
C LYS A 579 18.48 -10.27 21.17
N GLN A 580 18.68 -11.12 20.20
CA GLN A 580 20.04 -11.41 19.69
C GLN A 580 20.64 -10.21 18.99
N ILE A 581 19.83 -9.55 18.14
CA ILE A 581 20.28 -8.34 17.43
C ILE A 581 20.70 -7.24 18.35
N LEU A 582 19.89 -6.94 19.35
CA LEU A 582 20.23 -5.82 20.25
C LEU A 582 21.53 -6.13 21.06
N MET A 583 21.68 -7.38 21.46
CA MET A 583 22.86 -7.85 22.23
CA MET A 583 22.87 -7.79 22.23
C MET A 583 24.15 -7.69 21.41
N ASN A 584 24.16 -8.28 20.22
CA ASN A 584 25.35 -8.19 19.36
C ASN A 584 25.62 -6.79 18.87
N TYR A 585 24.57 -6.03 18.53
CA TYR A 585 24.77 -4.62 18.15
C TYR A 585 25.51 -3.81 19.25
N ASN A 586 25.10 -3.98 20.51
CA ASN A 586 25.73 -3.24 21.59
CA ASN A 586 25.75 -3.29 21.65
C ASN A 586 27.20 -3.73 21.80
N GLU A 587 27.43 -5.01 21.57
CA GLU A 587 28.84 -5.58 21.67
C GLU A 587 29.68 -5.03 20.53
N PHE A 588 29.17 -5.08 19.29
CA PHE A 588 29.90 -4.40 18.16
C PHE A 588 30.13 -2.87 18.41
N LEU A 589 29.06 -2.18 18.86
CA LEU A 589 29.12 -0.74 19.11
C LEU A 589 30.21 -0.37 20.15
N LYS A 590 30.23 -1.13 21.23
CA LYS A 590 31.24 -0.96 22.32
C LYS A 590 32.66 -1.15 21.72
N ALA A 591 32.84 -2.19 20.91
CA ALA A 591 34.17 -2.45 20.32
C ALA A 591 34.62 -1.38 19.37
N LYS A 592 33.69 -0.83 18.59
CA LYS A 592 33.99 0.29 17.68
C LYS A 592 34.26 1.57 18.50
N ASN A 593 33.39 1.88 19.44
CA ASN A 593 33.63 3.12 20.23
C ASN A 593 34.88 3.08 21.08
N GLU A 594 35.12 1.98 21.77
CA GLU A 594 36.29 1.89 22.61
C GLU A 594 37.54 1.48 21.81
N LYS A 595 37.43 1.33 20.49
CA LYS A 595 38.58 0.88 19.70
C LYS A 595 39.30 -0.39 20.29
N LEU A 596 38.52 -1.43 20.62
CA LEU A 596 39.07 -2.61 21.26
C LEU A 596 39.91 -3.40 20.30
N GLU A 597 41.00 -3.98 20.83
CA GLU A 597 41.84 -4.87 20.01
C GLU A 597 41.25 -6.30 19.98
N SER A 598 40.45 -6.62 20.97
CA SER A 598 39.81 -7.91 20.97
C SER A 598 38.58 -7.74 21.81
N PHE A 599 37.59 -8.58 21.57
CA PHE A 599 36.31 -8.53 22.31
C PHE A 599 35.60 -9.83 22.05
N GLN A 600 34.52 -10.07 22.79
CA GLN A 600 33.71 -11.25 22.61
C GLN A 600 32.31 -10.96 22.03
N LEU A 601 31.75 -11.94 21.30
CA LEU A 601 30.33 -11.78 20.82
C LEU A 601 29.49 -12.87 21.42
N THR A 602 28.27 -12.57 21.81
CA THR A 602 27.36 -13.57 22.33
C THR A 602 26.88 -14.46 21.15
N PRO A 603 27.21 -15.76 21.14
CA PRO A 603 26.75 -16.57 20.02
C PRO A 603 25.19 -16.66 19.99
N VAL A 604 24.67 -17.17 18.89
CA VAL A 604 23.19 -17.35 18.66
C VAL A 604 22.85 -18.51 19.53
N ASN A 605 21.70 -18.44 20.18
CA ASN A 605 21.16 -19.53 21.01
C ASN A 605 21.13 -20.88 20.22
N ALA A 606 21.84 -21.91 20.72
CA ALA A 606 21.91 -23.22 20.04
C ALA A 606 20.56 -23.93 19.91
N GLN A 607 19.72 -23.85 20.91
CA GLN A 607 18.40 -24.52 20.87
C GLN A 607 17.48 -23.77 19.92
N PHE A 608 17.77 -22.50 19.62
CA PHE A 608 16.94 -21.79 18.66
C PHE A 608 17.38 -22.28 17.25
N ILE A 609 18.69 -22.44 17.05
CA ILE A 609 19.17 -22.99 15.78
C ILE A 609 18.55 -24.41 15.58
N ASP A 610 18.46 -25.19 16.68
CA ASP A 610 17.97 -26.56 16.60
C ASP A 610 16.48 -26.50 16.18
N ALA A 611 15.80 -25.48 16.66
CA ALA A 611 14.33 -25.39 16.39
C ALA A 611 14.11 -24.97 14.95
N ILE A 612 14.97 -24.12 14.39
CA ILE A 612 14.89 -23.78 12.98
C ILE A 612 15.11 -25.05 12.17
N LYS A 613 16.13 -25.85 12.51
CA LYS A 613 16.40 -27.05 11.74
C LYS A 613 15.24 -27.99 11.82
N TYR A 614 14.69 -28.18 13.01
CA TYR A 614 13.54 -29.03 13.22
C TYR A 614 12.39 -28.61 12.25
N LEU A 615 12.05 -27.33 12.20
CA LEU A 615 10.97 -26.83 11.31
C LEU A 615 11.34 -27.02 9.84
N LEU A 616 12.56 -26.66 9.43
CA LEU A 616 12.93 -26.87 8.03
C LEU A 616 12.84 -28.32 7.55
N GLU A 617 13.23 -29.23 8.42
CA GLU A 617 13.24 -30.61 8.06
C GLU A 617 11.83 -31.22 8.08
N ASP A 618 10.83 -30.46 8.48
CA ASP A 618 9.52 -31.07 8.64
C ASP A 618 8.80 -30.99 7.30
N PRO A 619 8.59 -32.16 6.67
CA PRO A 619 8.07 -32.15 5.33
C PRO A 619 6.59 -31.73 5.30
N HIS A 620 5.92 -31.67 6.45
CA HIS A 620 4.51 -31.21 6.49
C HIS A 620 4.37 -29.70 6.87
N ALA A 621 5.48 -29.05 7.21
CA ALA A 621 5.45 -27.62 7.59
C ALA A 621 5.34 -26.78 6.29
N ASP A 622 4.94 -25.52 6.39
CA ASP A 622 4.66 -24.71 5.20
C ASP A 622 5.93 -23.99 4.69
N ALA A 623 6.22 -24.11 3.38
CA ALA A 623 7.42 -23.52 2.81
C ALA A 623 7.47 -22.03 2.95
N GLY A 624 6.33 -21.34 2.79
CA GLY A 624 6.33 -19.87 2.97
C GLY A 624 6.71 -19.49 4.41
N PHE A 625 6.15 -20.20 5.38
CA PHE A 625 6.50 -19.94 6.76
C PHE A 625 8.03 -20.17 6.94
N LYS A 626 8.53 -21.27 6.42
CA LYS A 626 9.97 -21.56 6.53
C LYS A 626 10.83 -20.39 6.01
N SER A 627 10.38 -19.69 4.96
CA SER A 627 11.26 -18.63 4.42
C SER A 627 11.26 -17.44 5.38
N TYR A 628 10.24 -17.36 6.24
CA TYR A 628 10.13 -16.20 7.18
C TYR A 628 11.11 -16.46 8.36
N ILE A 629 11.29 -17.72 8.74
CA ILE A 629 11.96 -18.02 9.99
C ILE A 629 13.50 -17.99 9.77
N VAL A 630 13.98 -18.21 8.53
CA VAL A 630 15.41 -18.09 8.21
C VAL A 630 15.83 -16.67 7.83
N SER A 631 14.88 -15.74 7.80
CA SER A 631 15.25 -14.37 7.47
C SER A 631 15.21 -13.51 8.74
N LEU A 632 16.22 -12.63 8.89
CA LEU A 632 16.25 -11.75 10.06
C LEU A 632 15.07 -10.73 9.90
N PRO A 633 14.57 -10.13 10.99
CA PRO A 633 13.59 -9.04 10.84
C PRO A 633 14.16 -7.91 9.94
N GLN A 634 13.25 -7.24 9.23
CA GLN A 634 13.61 -6.12 8.30
C GLN A 634 14.38 -5.02 9.02
N ASP A 635 15.29 -4.34 8.30
CA ASP A 635 16.02 -3.23 8.93
C ASP A 635 15.10 -2.20 9.49
N ARG A 636 14.02 -1.91 8.75
CA ARG A 636 13.08 -0.83 9.21
C ARG A 636 12.22 -1.25 10.41
N TYR A 637 12.14 -2.55 10.67
CA TYR A 637 11.55 -3.00 11.91
C TYR A 637 12.60 -2.84 13.06
N ILE A 638 13.83 -3.33 12.81
CA ILE A 638 14.91 -3.22 13.79
C ILE A 638 15.07 -1.79 14.25
N ILE A 639 15.04 -0.82 13.34
CA ILE A 639 15.31 0.58 13.74
C ILE A 639 14.42 1.12 14.83
N ASN A 640 13.20 0.56 14.99
CA ASN A 640 12.25 1.02 16.01
C ASN A 640 12.73 0.73 17.43
N PHE A 641 13.69 -0.18 17.54
CA PHE A 641 14.23 -0.55 18.84
C PHE A 641 15.66 -0.06 19.19
N VAL A 642 16.31 0.72 18.34
CA VAL A 642 17.65 1.19 18.60
C VAL A 642 17.72 2.72 18.48
N SER A 643 18.26 3.44 19.48
CA SER A 643 18.55 4.87 19.32
C SER A 643 19.80 5.12 18.59
N ASN A 644 19.85 6.25 17.89
CA ASN A 644 21.07 6.63 17.23
C ASN A 644 21.69 5.45 16.45
N LEU A 645 20.86 4.71 15.72
CA LEU A 645 21.33 3.53 15.03
C LEU A 645 22.48 3.77 14.07
N ASP A 646 23.61 3.10 14.33
CA ASP A 646 24.71 3.09 13.38
C ASP A 646 24.46 1.96 12.36
N THR A 647 24.21 2.31 11.10
CA THR A 647 23.86 1.28 10.07
C THR A 647 25.01 0.31 9.75
N ASP A 648 26.25 0.79 9.81
CA ASP A 648 27.41 -0.13 9.70
C ASP A 648 27.51 -1.14 10.83
N VAL A 649 27.27 -0.71 12.08
CA VAL A 649 27.23 -1.66 13.18
C VAL A 649 26.07 -2.62 13.02
N LEU A 650 24.92 -2.15 12.52
CA LEU A 650 23.82 -3.11 12.33
C LEU A 650 24.20 -4.04 11.19
N ALA A 651 24.85 -3.52 10.11
CA ALA A 651 25.20 -4.47 9.05
C ALA A 651 26.16 -5.56 9.59
N ASP A 652 27.08 -5.17 10.47
CA ASP A 652 28.00 -6.22 11.01
C ASP A 652 27.26 -7.16 11.93
N THR A 653 26.27 -6.63 12.66
CA THR A 653 25.50 -7.51 13.54
C THR A 653 24.77 -8.57 12.73
N LYS A 654 24.00 -8.14 11.70
CA LYS A 654 23.24 -9.04 10.83
C LYS A 654 24.15 -10.05 10.19
N GLU A 655 25.30 -9.60 9.67
CA GLU A 655 26.35 -10.50 9.10
C GLU A 655 26.77 -11.61 10.07
N TYR A 656 27.06 -11.23 11.36
CA TYR A 656 27.47 -12.23 12.37
C TYR A 656 26.36 -13.25 12.61
N ILE A 657 25.11 -12.78 12.74
CA ILE A 657 24.01 -13.70 13.14
C ILE A 657 23.72 -14.65 11.98
N TYR A 658 23.61 -14.12 10.77
CA TYR A 658 23.50 -15.01 9.58
C TYR A 658 24.62 -16.05 9.49
N LYS A 659 25.85 -15.66 9.77
CA LYS A 659 27.00 -16.58 9.60
C LYS A 659 26.94 -17.63 10.71
N GLN A 660 26.63 -17.20 11.94
CA GLN A 660 26.39 -18.15 13.06
C GLN A 660 25.39 -19.25 12.71
N ILE A 661 24.24 -18.86 12.14
CA ILE A 661 23.25 -19.87 11.84
C ILE A 661 23.64 -20.71 10.59
N GLY A 662 24.23 -20.03 9.61
CA GLY A 662 24.63 -20.72 8.38
C GLY A 662 25.73 -21.75 8.69
N ASP A 663 26.65 -21.39 9.59
CA ASP A 663 27.73 -22.33 9.97
C ASP A 663 27.14 -23.63 10.57
N LYS A 664 25.96 -23.56 11.16
CA LYS A 664 25.28 -24.82 11.59
C LYS A 664 24.39 -25.40 10.49
N LEU A 665 23.66 -24.55 9.74
CA LEU A 665 22.58 -25.12 8.93
C LEU A 665 22.85 -25.19 7.39
N ASN A 666 23.99 -24.77 6.90
CA ASN A 666 24.08 -24.62 5.43
C ASN A 666 23.89 -25.93 4.71
N ASP A 667 24.31 -27.04 5.33
CA ASP A 667 24.08 -28.34 4.70
C ASP A 667 22.58 -28.65 4.59
N VAL A 668 21.84 -28.28 5.62
CA VAL A 668 20.42 -28.45 5.63
C VAL A 668 19.78 -27.54 4.53
N TYR A 669 20.25 -26.31 4.42
CA TYR A 669 19.74 -25.39 3.42
C TYR A 669 20.01 -25.92 1.99
N TYR A 670 21.22 -26.47 1.78
CA TYR A 670 21.59 -27.01 0.47
C TYR A 670 20.71 -28.18 0.10
N LYS A 671 20.57 -29.12 1.01
CA LYS A 671 19.73 -30.27 0.77
C LYS A 671 18.26 -29.86 0.42
N MET A 672 17.73 -28.89 1.11
CA MET A 672 16.36 -28.45 0.83
C MET A 672 16.21 -27.75 -0.51
N PHE A 673 17.20 -26.93 -0.87
CA PHE A 673 17.20 -26.19 -2.12
C PHE A 673 17.13 -27.23 -3.23
N LYS A 674 17.88 -28.33 -3.11
CA LYS A 674 17.85 -29.42 -4.12
C LYS A 674 16.57 -30.27 -4.09
N SER A 675 16.04 -30.59 -2.91
CA SER A 675 14.91 -31.51 -2.86
C SER A 675 13.60 -30.76 -3.21
N LEU A 676 13.58 -29.43 -3.02
CA LEU A 676 12.43 -28.57 -3.39
C LEU A 676 12.27 -28.34 -4.87
N GLU A 677 13.36 -28.52 -5.62
CA GLU A 677 13.35 -28.22 -7.05
CA GLU A 677 13.33 -28.23 -7.08
C GLU A 677 12.12 -28.80 -7.79
N ALA A 678 11.88 -30.13 -7.66
CA ALA A 678 10.82 -30.80 -8.47
C ALA A 678 9.49 -30.08 -8.36
N LYS A 679 9.06 -29.80 -7.12
CA LYS A 679 7.73 -29.24 -6.97
C LYS A 679 7.73 -27.75 -7.19
N ALA A 680 8.79 -27.07 -6.75
CA ALA A 680 8.83 -25.62 -6.83
C ALA A 680 8.76 -25.19 -8.31
N ASP A 681 9.47 -25.93 -9.19
CA ASP A 681 9.71 -25.46 -10.55
C ASP A 681 8.93 -26.23 -11.57
N ASP A 682 7.99 -27.01 -11.08
CA ASP A 682 7.15 -27.80 -11.92
C ASP A 682 6.46 -26.95 -13.02
N LEU A 683 6.65 -27.37 -14.27
CA LEU A 683 6.16 -26.71 -15.49
C LEU A 683 4.79 -27.20 -16.03
N THR A 684 4.12 -28.08 -15.30
CA THR A 684 2.85 -28.70 -15.75
C THR A 684 1.80 -27.67 -16.22
N TYR A 685 1.69 -26.56 -15.49
CA TYR A 685 0.68 -25.55 -15.79
C TYR A 685 1.26 -24.24 -16.29
N PHE A 686 2.49 -24.30 -16.77
CA PHE A 686 3.18 -23.10 -17.23
C PHE A 686 2.42 -22.39 -18.34
N ASN A 687 1.81 -23.17 -19.25
CA ASN A 687 1.02 -22.55 -20.30
C ASN A 687 -0.49 -22.49 -19.99
N ASP A 688 -0.86 -22.71 -18.73
CA ASP A 688 -2.22 -22.51 -18.34
C ASP A 688 -2.31 -21.14 -17.73
N GLU A 689 -2.87 -20.21 -18.48
CA GLU A 689 -2.83 -18.78 -18.08
C GLU A 689 -3.52 -18.44 -16.74
N SER A 690 -4.48 -19.28 -16.38
CA SER A 690 -5.36 -19.05 -15.25
C SER A 690 -5.02 -19.93 -14.04
N HIS A 691 -4.05 -20.84 -14.14
CA HIS A 691 -3.71 -21.74 -13.03
C HIS A 691 -2.60 -21.07 -12.17
N VAL A 692 -2.99 -20.60 -10.99
CA VAL A 692 -2.06 -19.90 -10.07
C VAL A 692 -1.98 -20.66 -8.77
N ASP A 693 -0.77 -21.09 -8.41
CA ASP A 693 -0.63 -21.99 -7.28
C ASP A 693 0.26 -21.24 -6.27
N PHE A 694 -0.41 -20.64 -5.28
CA PHE A 694 0.32 -19.91 -4.22
C PHE A 694 1.28 -20.67 -3.34
N ASP A 695 0.95 -21.93 -3.10
CA ASP A 695 1.85 -22.81 -2.39
C ASP A 695 3.09 -23.05 -3.25
N GLN A 696 2.93 -23.34 -4.56
CA GLN A 696 4.13 -23.54 -5.37
C GLN A 696 5.05 -22.33 -5.42
N MET A 697 4.45 -21.15 -5.58
CA MET A 697 5.20 -19.94 -5.49
C MET A 697 5.89 -19.73 -4.17
N ASN A 698 5.24 -20.10 -3.07
CA ASN A 698 5.96 -20.02 -1.77
C ASN A 698 7.13 -21.03 -1.71
N MET A 699 7.04 -22.15 -2.44
CA MET A 699 8.25 -23.06 -2.51
C MET A 699 9.43 -22.41 -3.26
N ARG A 700 9.10 -21.71 -4.31
CA ARG A 700 10.10 -20.96 -5.02
C ARG A 700 10.69 -19.87 -4.12
N THR A 701 9.86 -19.09 -3.43
CA THR A 701 10.38 -18.13 -2.45
C THR A 701 11.42 -18.78 -1.52
N LEU A 702 11.02 -19.90 -0.90
CA LEU A 702 11.94 -20.64 -0.03
C LEU A 702 13.24 -20.98 -0.74
N ARG A 703 13.20 -21.57 -1.96
CA ARG A 703 14.43 -21.98 -2.66
C ARG A 703 15.28 -20.78 -2.92
N ASN A 704 14.66 -19.68 -3.34
CA ASN A 704 15.37 -18.44 -3.60
C ASN A 704 15.96 -17.71 -2.38
N THR A 705 15.27 -17.83 -1.24
CA THR A 705 15.81 -17.44 0.01
C THR A 705 17.03 -18.30 0.42
N LEU A 706 16.94 -19.60 0.27
CA LEU A 706 18.03 -20.51 0.65
C LEU A 706 19.20 -20.33 -0.29
N LEU A 707 18.93 -20.20 -1.59
CA LEU A 707 20.01 -19.86 -2.52
C LEU A 707 20.77 -18.60 -2.20
N SER A 708 20.07 -17.56 -1.81
CA SER A 708 20.73 -16.32 -1.35
C SER A 708 21.62 -16.57 -0.07
N LEU A 709 21.09 -17.29 0.89
CA LEU A 709 21.87 -17.61 2.12
C LEU A 709 23.16 -18.39 1.74
N LEU A 710 23.01 -19.36 0.84
CA LEU A 710 24.10 -20.20 0.39
C LEU A 710 25.15 -19.45 -0.42
N SER A 711 24.71 -18.48 -1.23
CA SER A 711 25.67 -17.66 -1.97
C SER A 711 26.45 -16.71 -1.12
N LYS A 712 25.79 -15.98 -0.21
CA LYS A 712 26.50 -15.09 0.75
C LYS A 712 27.55 -15.87 1.47
N ALA A 713 27.21 -17.11 1.90
CA ALA A 713 28.18 -17.94 2.61
C ALA A 713 29.30 -18.55 1.76
N GLN A 714 29.20 -18.43 0.43
CA GLN A 714 30.16 -19.04 -0.50
C GLN A 714 30.24 -20.54 -0.26
N TYR A 715 29.09 -21.17 -0.17
CA TYR A 715 29.02 -22.57 0.07
C TYR A 715 29.66 -23.24 -1.12
N PRO A 716 30.43 -24.34 -0.86
CA PRO A 716 31.26 -24.99 -1.92
C PRO A 716 30.49 -25.30 -3.17
N ASN A 717 31.00 -24.78 -4.28
CA ASN A 717 30.48 -25.01 -5.63
C ASN A 717 29.06 -24.48 -5.86
N ILE A 718 28.55 -23.67 -4.93
CA ILE A 718 27.19 -23.05 -5.15
C ILE A 718 27.04 -22.31 -6.51
N LEU A 719 28.14 -21.82 -7.08
CA LEU A 719 28.04 -21.17 -8.39
C LEU A 719 27.42 -22.10 -9.48
N ASN A 720 27.64 -23.41 -9.36
CA ASN A 720 27.05 -24.37 -10.29
C ASN A 720 25.55 -24.24 -10.15
N GLU A 721 25.07 -24.09 -8.89
CA GLU A 721 23.62 -24.05 -8.74
C GLU A 721 23.05 -22.77 -9.31
N ILE A 722 23.82 -21.68 -9.16
CA ILE A 722 23.38 -20.35 -9.61
C ILE A 722 23.28 -20.36 -11.13
N ILE A 723 24.31 -20.91 -11.77
CA ILE A 723 24.32 -20.93 -13.24
C ILE A 723 23.15 -21.77 -13.76
N GLU A 724 22.89 -22.94 -13.17
CA GLU A 724 21.72 -23.76 -13.59
C GLU A 724 20.39 -23.03 -13.41
N HIS A 725 20.27 -22.35 -12.28
CA HIS A 725 19.08 -21.56 -11.93
C HIS A 725 18.78 -20.42 -12.93
N SER A 726 19.83 -19.86 -13.53
CA SER A 726 19.70 -18.80 -14.54
C SER A 726 18.97 -19.31 -15.80
N LYS A 727 18.94 -20.65 -15.98
CA LYS A 727 18.30 -21.26 -17.19
C LYS A 727 16.85 -21.65 -16.91
N SER A 728 16.37 -21.35 -15.70
CA SER A 728 14.98 -21.62 -15.38
C SER A 728 14.04 -20.75 -16.24
N PRO A 729 12.88 -21.29 -16.55
CA PRO A 729 11.97 -20.47 -17.32
C PRO A 729 11.20 -19.43 -16.45
N TYR A 730 11.19 -19.61 -15.13
CA TYR A 730 10.48 -18.66 -14.24
C TYR A 730 11.32 -17.41 -13.95
N PRO A 731 10.81 -16.20 -14.22
CA PRO A 731 11.58 -15.00 -13.95
C PRO A 731 11.96 -14.85 -12.46
N SER A 732 11.13 -15.33 -11.54
CA SER A 732 11.51 -15.32 -10.12
C SER A 732 12.85 -16.04 -9.91
N ASN A 733 13.07 -17.14 -10.63
CA ASN A 733 14.32 -17.86 -10.51
C ASN A 733 15.44 -17.16 -11.25
N TRP A 734 15.22 -16.84 -12.54
CA TRP A 734 16.35 -16.29 -13.23
C TRP A 734 16.82 -14.92 -12.77
N LEU A 735 15.90 -14.08 -12.29
CA LEU A 735 16.27 -12.84 -11.64
C LEU A 735 16.95 -13.10 -10.33
N THR A 736 16.46 -14.08 -9.56
CA THR A 736 17.22 -14.49 -8.37
C THR A 736 18.65 -14.92 -8.73
N SER A 737 18.85 -15.58 -9.88
CA SER A 737 20.17 -16.04 -10.28
C SER A 737 21.09 -14.81 -10.46
N LEU A 738 20.55 -13.71 -10.98
CA LEU A 738 21.32 -12.47 -11.14
C LEU A 738 21.75 -11.89 -9.78
N SER A 739 20.80 -11.69 -8.86
CA SER A 739 21.15 -11.06 -7.58
C SER A 739 22.10 -11.91 -6.74
N VAL A 740 21.96 -13.23 -6.69
CA VAL A 740 22.92 -14.06 -5.88
C VAL A 740 24.28 -14.19 -6.54
N SER A 741 24.35 -14.02 -7.86
CA SER A 741 25.66 -14.02 -8.51
C SER A 741 26.48 -12.81 -8.24
N ALA A 742 25.94 -11.82 -7.53
CA ALA A 742 26.71 -10.64 -7.10
C ALA A 742 28.02 -11.03 -6.38
N TYR A 743 27.98 -12.12 -5.61
CA TYR A 743 29.14 -12.59 -4.83
C TYR A 743 30.16 -13.37 -5.68
N PHE A 744 29.94 -13.45 -7.00
CA PHE A 744 30.83 -14.24 -7.87
C PHE A 744 31.29 -13.48 -9.10
N ASP A 745 32.34 -13.97 -9.76
CA ASP A 745 32.90 -13.31 -10.97
C ASP A 745 31.95 -13.40 -12.19
N LYS A 746 30.90 -14.20 -12.07
CA LYS A 746 29.93 -14.34 -13.15
C LYS A 746 28.86 -13.23 -13.17
N TYR A 747 28.88 -12.32 -12.24
CA TYR A 747 27.76 -11.36 -12.15
C TYR A 747 27.43 -10.62 -13.47
N PHE A 748 28.42 -9.99 -14.09
CA PHE A 748 28.16 -9.28 -15.32
C PHE A 748 27.76 -10.18 -16.49
N GLU A 749 28.27 -11.42 -16.59
CA GLU A 749 27.71 -12.41 -17.55
C GLU A 749 26.19 -12.62 -17.32
N LEU A 750 25.75 -12.78 -16.07
CA LEU A 750 24.31 -12.97 -15.84
C LEU A 750 23.53 -11.66 -16.00
N TYR A 751 24.19 -10.52 -15.73
CA TYR A 751 23.59 -9.19 -15.95
C TYR A 751 23.16 -9.07 -17.42
N ASP A 752 24.09 -9.36 -18.32
CA ASP A 752 23.81 -9.38 -19.75
C ASP A 752 22.77 -10.41 -20.18
N LYS A 753 22.91 -11.66 -19.72
CA LYS A 753 21.96 -12.69 -20.10
C LYS A 753 20.53 -12.29 -19.67
N THR A 754 20.37 -11.84 -18.42
CA THR A 754 19.04 -11.55 -17.98
C THR A 754 18.49 -10.19 -18.57
N TYR A 755 19.36 -9.20 -18.87
CA TYR A 755 18.95 -7.98 -19.60
C TYR A 755 18.29 -8.40 -20.91
N LYS A 756 19.01 -9.27 -21.63
CA LYS A 756 18.49 -9.77 -22.90
C LYS A 756 17.15 -10.47 -22.77
N LEU A 757 16.95 -11.22 -21.69
CA LEU A 757 15.63 -11.84 -21.48
C LEU A 757 14.51 -10.89 -21.10
N SER A 758 14.90 -9.74 -20.55
CA SER A 758 13.95 -8.76 -19.98
C SER A 758 13.64 -7.61 -20.91
N LYS A 759 14.54 -7.27 -21.84
CA LYS A 759 14.51 -5.93 -22.49
C LYS A 759 13.29 -5.60 -23.37
N ASP A 760 12.60 -6.63 -23.86
CA ASP A 760 11.49 -6.43 -24.76
C ASP A 760 10.14 -6.53 -24.13
N ASP A 761 10.06 -6.67 -22.78
CA ASP A 761 8.77 -6.56 -22.10
C ASP A 761 8.96 -5.40 -21.10
N GLU A 762 8.17 -4.37 -21.23
CA GLU A 762 8.37 -3.14 -20.43
C GLU A 762 8.32 -3.43 -18.93
N LEU A 763 7.44 -4.36 -18.48
CA LEU A 763 7.34 -4.59 -17.01
C LEU A 763 8.49 -5.48 -16.52
N LEU A 764 8.92 -6.42 -17.36
CA LEU A 764 9.88 -7.38 -16.93
C LEU A 764 11.22 -6.64 -16.92
N LEU A 765 11.37 -5.66 -17.81
CA LEU A 765 12.60 -4.81 -17.78
C LEU A 765 12.63 -4.00 -16.45
N GLN A 766 11.48 -3.51 -16.02
CA GLN A 766 11.42 -2.82 -14.70
C GLN A 766 11.84 -3.77 -13.49
N GLU A 767 11.40 -5.03 -13.51
CA GLU A 767 11.82 -6.03 -12.54
C GLU A 767 13.33 -6.34 -12.60
N TRP A 768 13.89 -6.39 -13.81
CA TRP A 768 15.32 -6.54 -14.02
C TRP A 768 15.97 -5.30 -13.35
N LEU A 769 15.46 -4.09 -13.58
CA LEU A 769 16.12 -2.88 -12.99
C LEU A 769 16.14 -2.95 -11.44
N LYS A 770 15.02 -3.34 -10.85
CA LYS A 770 14.94 -3.52 -9.42
C LYS A 770 15.95 -4.55 -8.96
N THR A 771 16.18 -5.60 -9.76
CA THR A 771 17.09 -6.69 -9.36
C THR A 771 18.53 -6.16 -9.35
N VAL A 772 18.89 -5.49 -10.42
CA VAL A 772 20.17 -4.78 -10.43
C VAL A 772 20.29 -3.80 -9.27
N SER A 773 19.30 -2.92 -9.12
CA SER A 773 19.41 -1.87 -8.05
C SER A 773 19.68 -2.47 -6.66
N ARG A 774 19.09 -3.62 -6.38
CA ARG A 774 19.15 -4.24 -5.05
C ARG A 774 20.36 -5.20 -4.93
N SER A 775 21.11 -5.37 -6.00
CA SER A 775 22.23 -6.33 -6.01
C SER A 775 23.29 -5.98 -4.95
N ASP A 776 23.77 -6.98 -4.24
CA ASP A 776 24.79 -6.74 -3.22
C ASP A 776 26.20 -6.68 -3.80
N ARG A 777 26.48 -5.52 -4.38
CA ARG A 777 27.66 -5.25 -5.19
C ARG A 777 28.46 -4.16 -4.51
N LYS A 778 29.79 -4.35 -4.40
CA LYS A 778 30.66 -3.26 -3.95
C LYS A 778 30.73 -2.16 -5.01
N ASP A 779 30.65 -2.51 -6.29
CA ASP A 779 30.64 -1.45 -7.33
C ASP A 779 29.22 -0.95 -7.67
N ILE A 780 28.29 -0.95 -6.69
CA ILE A 780 26.87 -0.57 -6.96
C ILE A 780 26.71 0.88 -7.43
N TYR A 781 27.57 1.81 -6.97
CA TYR A 781 27.44 3.17 -7.49
C TYR A 781 27.76 3.27 -8.99
N GLU A 782 28.77 2.56 -9.45
CA GLU A 782 29.12 2.54 -10.90
C GLU A 782 28.04 1.82 -11.73
N ILE A 783 27.47 0.78 -11.16
CA ILE A 783 26.37 0.06 -11.77
C ILE A 783 25.16 0.95 -11.90
N LEU A 784 24.86 1.76 -10.88
CA LEU A 784 23.71 2.71 -11.05
C LEU A 784 23.93 3.69 -12.16
N LYS A 785 25.17 4.11 -12.34
CA LYS A 785 25.50 5.17 -13.32
C LYS A 785 25.34 4.55 -14.71
N LYS A 786 25.69 3.28 -14.82
CA LYS A 786 25.49 2.47 -16.03
C LYS A 786 24.02 2.30 -16.41
N LEU A 787 23.15 1.98 -15.44
CA LEU A 787 21.69 1.91 -15.71
C LEU A 787 21.17 3.26 -16.15
N GLU A 788 21.67 4.33 -15.52
CA GLU A 788 21.23 5.66 -15.90
C GLU A 788 21.55 5.96 -17.40
N ASN A 789 22.77 5.62 -17.82
CA ASN A 789 23.26 5.97 -19.17
C ASN A 789 22.70 5.07 -20.22
N GLU A 790 22.47 3.82 -19.83
CA GLU A 790 22.17 2.81 -20.82
C GLU A 790 20.69 2.46 -20.94
N VAL A 791 19.94 2.50 -19.83
CA VAL A 791 18.58 1.93 -19.75
C VAL A 791 17.56 2.99 -19.30
N LEU A 792 17.84 3.65 -18.17
CA LEU A 792 16.88 4.60 -17.65
C LEU A 792 16.85 5.87 -18.47
N LYS A 793 18.00 6.50 -18.68
CA LYS A 793 18.10 7.76 -19.47
C LYS A 793 17.15 8.80 -18.89
N ASP A 794 16.43 9.56 -19.73
CA ASP A 794 15.53 10.60 -19.17
C ASP A 794 14.05 10.19 -19.13
N SER A 795 13.78 8.89 -18.93
CA SER A 795 12.46 8.37 -18.69
C SER A 795 11.78 9.19 -17.58
N LYS A 796 10.56 9.60 -17.90
CA LYS A 796 9.67 10.20 -16.91
C LYS A 796 8.63 9.18 -16.42
N ASN A 797 8.78 7.89 -16.78
CA ASN A 797 7.87 6.83 -16.28
C ASN A 797 8.21 6.57 -14.78
N PRO A 798 7.23 6.77 -13.86
CA PRO A 798 7.56 6.59 -12.44
C PRO A 798 7.94 5.14 -12.16
N ASN A 799 7.38 4.16 -12.90
CA ASN A 799 7.84 2.78 -12.66
C ASN A 799 9.32 2.62 -12.92
N ASP A 800 9.83 3.30 -13.97
CA ASP A 800 11.28 3.16 -14.30
C ASP A 800 12.13 3.81 -13.22
N ILE A 801 11.80 5.07 -12.89
CA ILE A 801 12.56 5.81 -11.85
C ILE A 801 12.56 5.03 -10.49
N ARG A 802 11.39 4.61 -10.07
CA ARG A 802 11.28 3.92 -8.77
C ARG A 802 12.11 2.62 -8.79
N ALA A 803 12.22 1.95 -9.96
CA ALA A 803 12.82 0.64 -10.04
C ALA A 803 14.34 0.81 -9.93
N VAL A 804 14.88 1.85 -10.60
CA VAL A 804 16.31 2.09 -10.51
C VAL A 804 16.76 2.50 -9.11
N TYR A 805 15.98 3.30 -8.39
CA TYR A 805 16.46 3.88 -7.14
C TYR A 805 15.97 3.30 -5.82
N LEU A 806 14.70 2.93 -5.69
CA LEU A 806 14.21 2.57 -4.35
C LEU A 806 14.88 1.29 -3.80
N PRO A 807 15.02 0.24 -4.63
CA PRO A 807 15.68 -0.95 -4.04
C PRO A 807 17.12 -0.68 -3.53
N PHE A 808 17.89 0.09 -4.27
CA PHE A 808 19.24 0.49 -3.83
C PHE A 808 19.21 1.18 -2.43
N THR A 809 18.17 1.97 -2.16
CA THR A 809 18.11 2.76 -0.90
C THR A 809 17.93 1.76 0.26
N ASN A 810 17.63 0.49 -0.01
CA ASN A 810 17.61 -0.47 1.12
C ASN A 810 18.95 -1.17 1.36
N ASN A 811 19.95 -0.78 0.59
CA ASN A 811 21.24 -1.47 0.73
C ASN A 811 21.87 -0.81 1.96
N LEU A 812 21.85 -1.55 3.07
CA LEU A 812 22.23 -1.00 4.37
C LEU A 812 23.70 -0.47 4.40
N ARG A 813 24.69 -1.24 3.90
CA ARG A 813 26.07 -0.70 3.84
C ARG A 813 26.31 0.44 2.92
N ARG A 814 25.73 0.35 1.73
CA ARG A 814 26.15 1.20 0.66
C ARG A 814 25.28 2.45 0.54
N PHE A 815 23.92 2.35 0.63
CA PHE A 815 23.13 3.60 0.57
C PHE A 815 23.55 4.55 1.67
N HIS A 816 23.82 3.98 2.83
CA HIS A 816 24.18 4.72 4.06
C HIS A 816 25.70 4.89 4.18
N ASP A 817 26.44 4.76 3.07
CA ASP A 817 27.88 5.14 3.04
C ASP A 817 28.14 6.44 3.80
N ILE A 818 29.11 6.35 4.72
CA ILE A 818 29.39 7.50 5.60
C ILE A 818 29.80 8.82 4.92
N SER A 819 30.29 8.79 3.67
CA SER A 819 30.50 10.04 2.95
C SER A 819 29.21 10.80 2.63
N GLY A 820 28.08 10.15 2.78
CA GLY A 820 26.79 10.79 2.44
C GLY A 820 26.45 10.77 0.95
N LYS A 821 27.27 10.05 0.15
CA LYS A 821 27.15 10.04 -1.34
C LYS A 821 25.80 9.43 -1.79
N GLY A 822 25.30 8.43 -1.03
CA GLY A 822 23.98 7.84 -1.32
C GLY A 822 22.85 8.82 -1.06
N TYR A 823 22.88 9.57 0.07
CA TYR A 823 21.87 10.53 0.35
C TYR A 823 21.91 11.65 -0.71
N LYS A 824 23.12 12.04 -1.11
CA LYS A 824 23.34 12.96 -2.22
C LYS A 824 22.69 12.54 -3.51
N LEU A 825 22.96 11.29 -3.93
CA LEU A 825 22.42 10.73 -5.14
C LEU A 825 20.89 10.72 -5.10
N ILE A 826 20.26 10.19 -4.03
CA ILE A 826 18.75 10.21 -3.94
C ILE A 826 18.18 11.61 -3.96
N ALA A 827 18.78 12.52 -3.21
CA ALA A 827 18.37 13.95 -3.28
C ALA A 827 18.43 14.58 -4.68
N GLU A 828 19.45 14.25 -5.46
CA GLU A 828 19.55 14.74 -6.84
C GLU A 828 18.37 14.18 -7.66
N VAL A 829 18.04 12.91 -7.42
CA VAL A 829 16.93 12.30 -8.17
C VAL A 829 15.58 12.88 -7.79
N ILE A 830 15.34 13.11 -6.50
CA ILE A 830 14.10 13.71 -6.02
C ILE A 830 13.93 15.10 -6.68
N THR A 831 14.99 15.92 -6.64
CA THR A 831 14.89 17.30 -7.16
C THR A 831 14.57 17.32 -8.64
N LYS A 832 15.21 16.41 -9.36
CA LYS A 832 15.05 16.26 -10.85
C LYS A 832 13.60 15.83 -11.15
N THR A 833 13.10 14.86 -10.35
CA THR A 833 11.77 14.33 -10.51
C THR A 833 10.72 15.35 -10.15
N ASP A 834 11.01 16.17 -9.14
CA ASP A 834 10.09 17.19 -8.70
C ASP A 834 9.74 18.23 -9.80
N LYS A 835 10.68 18.49 -10.72
CA LYS A 835 10.36 19.31 -11.94
C LYS A 835 9.11 18.91 -12.74
N PHE A 836 8.80 17.61 -12.78
CA PHE A 836 7.70 17.17 -13.58
C PHE A 836 6.64 16.34 -12.85
N ASN A 837 7.03 15.67 -11.77
CA ASN A 837 6.06 14.84 -11.02
C ASN A 837 6.28 14.95 -9.48
N PRO A 838 5.67 15.98 -8.86
CA PRO A 838 5.88 16.19 -7.40
C PRO A 838 5.44 14.99 -6.57
N MET A 839 4.39 14.30 -7.01
CA MET A 839 3.92 13.17 -6.21
C MET A 839 5.02 12.08 -6.08
N VAL A 840 5.62 11.72 -7.21
CA VAL A 840 6.65 10.69 -7.21
C VAL A 840 7.92 11.21 -6.51
N ALA A 841 8.21 12.53 -6.65
CA ALA A 841 9.36 13.11 -5.96
C ALA A 841 9.21 12.88 -4.47
N THR A 842 7.99 13.02 -3.97
CA THR A 842 7.74 12.81 -2.54
C THR A 842 7.88 11.31 -2.19
N GLN A 843 7.46 10.42 -3.07
CA GLN A 843 7.63 9.01 -2.82
C GLN A 843 9.08 8.62 -2.74
N LEU A 844 9.95 9.27 -3.52
CA LEU A 844 11.37 9.00 -3.53
C LEU A 844 12.05 9.53 -2.29
N CYS A 845 11.37 10.37 -1.51
CA CYS A 845 11.90 10.79 -0.17
C CYS A 845 11.84 9.70 0.93
N GLU A 846 11.29 8.54 0.62
CA GLU A 846 11.03 7.56 1.66
C GLU A 846 12.28 7.20 2.53
N PRO A 847 13.48 6.98 1.91
CA PRO A 847 14.56 6.63 2.85
C PRO A 847 14.85 7.69 3.89
N PHE A 848 14.49 8.94 3.65
CA PHE A 848 14.78 9.98 4.60
C PHE A 848 13.85 9.92 5.84
N LYS A 849 12.79 9.10 5.82
CA LYS A 849 11.79 9.18 6.91
C LYS A 849 12.37 8.82 8.26
N LEU A 850 13.40 7.98 8.25
CA LEU A 850 14.02 7.56 9.51
C LEU A 850 15.26 8.41 9.88
N TRP A 851 15.40 9.59 9.28
CA TRP A 851 16.67 10.35 9.40
C TRP A 851 17.04 10.61 10.88
N ASN A 852 16.05 10.86 11.73
CA ASN A 852 16.39 11.30 13.10
C ASN A 852 16.55 10.12 14.02
N LYS A 853 16.48 8.93 13.47
CA LYS A 853 16.74 7.67 14.21
C LYS A 853 18.17 7.13 14.06
N LEU A 854 18.94 7.68 13.14
CA LEU A 854 20.26 7.16 12.89
C LEU A 854 21.32 7.82 13.80
N ASP A 855 22.55 7.29 13.77
CA ASP A 855 23.70 7.93 14.43
C ASP A 855 23.89 9.42 14.07
N THR A 856 24.49 10.16 15.01
CA THR A 856 24.80 11.59 14.82
C THR A 856 25.27 12.04 13.46
N LYS A 857 26.28 11.35 12.93
CA LYS A 857 26.84 11.75 11.67
C LYS A 857 25.84 11.62 10.52
N ARG A 858 25.13 10.50 10.49
CA ARG A 858 24.19 10.22 9.40
C ARG A 858 22.98 11.09 9.49
N GLN A 859 22.45 11.39 10.68
CA GLN A 859 21.38 12.38 10.85
C GLN A 859 21.73 13.69 10.18
N GLU A 860 22.93 14.17 10.48
CA GLU A 860 23.47 15.39 9.91
C GLU A 860 23.61 15.38 8.34
N LEU A 861 24.17 14.30 7.79
CA LEU A 861 24.29 14.10 6.33
C LEU A 861 22.91 14.17 5.65
N MET A 862 21.92 13.55 6.27
CA MET A 862 20.57 13.47 5.68
C MET A 862 19.89 14.80 5.82
N LEU A 863 19.95 15.42 7.00
CA LEU A 863 19.38 16.75 7.21
C LEU A 863 19.99 17.76 6.19
N ASN A 864 21.31 17.68 5.98
CA ASN A 864 21.96 18.55 4.98
C ASN A 864 21.28 18.44 3.61
N GLU A 865 21.08 17.20 3.14
CA GLU A 865 20.43 16.96 1.84
C GLU A 865 18.97 17.42 1.78
N MET A 866 18.21 17.21 2.86
CA MET A 866 16.86 17.70 2.96
C MET A 866 16.82 19.23 2.93
N ASN A 867 17.68 19.87 3.73
CA ASN A 867 17.82 21.34 3.65
C ASN A 867 18.23 21.83 2.27
N THR A 868 19.18 21.17 1.61
CA THR A 868 19.48 21.48 0.20
C THR A 868 18.25 21.41 -0.71
N MET A 869 17.45 20.34 -0.62
CA MET A 869 16.27 20.20 -1.44
C MET A 869 15.27 21.30 -1.14
N LEU A 870 15.15 21.63 0.16
CA LEU A 870 14.23 22.65 0.60
C LEU A 870 14.63 24.04 0.03
N GLN A 871 15.90 24.24 -0.26
CA GLN A 871 16.42 25.52 -0.68
C GLN A 871 16.32 25.66 -2.24
N GLU A 872 15.84 24.62 -2.96
CA GLU A 872 15.67 24.72 -4.43
C GLU A 872 14.61 25.78 -4.77
N PRO A 873 14.95 26.76 -5.66
CA PRO A 873 13.96 27.84 -5.82
C PRO A 873 12.69 27.31 -6.48
N GLN A 874 12.81 26.24 -7.28
CA GLN A 874 11.67 25.73 -8.03
C GLN A 874 10.94 24.56 -7.32
N ILE A 875 11.17 24.37 -6.02
CA ILE A 875 10.47 23.28 -5.27
C ILE A 875 8.92 23.31 -5.37
N SER A 876 8.29 22.13 -5.56
CA SER A 876 6.86 22.02 -5.61
C SER A 876 6.26 22.26 -4.21
N ASN A 877 5.00 22.69 -4.19
CA ASN A 877 4.29 22.73 -2.93
C ASN A 877 4.27 21.38 -2.22
N ASN A 878 4.03 20.28 -2.97
CA ASN A 878 3.94 18.99 -2.37
C ASN A 878 5.29 18.60 -1.69
N LEU A 879 6.38 18.77 -2.41
CA LEU A 879 7.68 18.31 -1.87
C LEU A 879 8.04 19.24 -0.68
N LYS A 880 7.79 20.54 -0.86
CA LYS A 880 8.14 21.47 0.20
C LYS A 880 7.42 21.15 1.52
N GLU A 881 6.10 20.97 1.47
CA GLU A 881 5.31 20.71 2.66
C GLU A 881 5.76 19.41 3.33
N TYR A 882 6.09 18.41 2.55
CA TYR A 882 6.49 17.11 3.07
C TYR A 882 7.82 17.22 3.85
N LEU A 883 8.78 17.94 3.27
CA LEU A 883 10.12 17.99 3.83
C LEU A 883 10.12 18.95 5.03
N LEU A 884 9.29 19.97 4.97
CA LEU A 884 9.15 20.90 6.18
C LEU A 884 8.59 20.12 7.40
N ARG A 885 7.65 19.21 7.12
CA ARG A 885 7.03 18.45 8.18
C ARG A 885 8.04 17.39 8.63
N LEU A 886 8.73 16.78 7.68
CA LEU A 886 9.71 15.73 8.05
C LEU A 886 10.87 16.24 8.89
N THR A 887 11.34 17.44 8.58
CA THR A 887 12.54 17.99 9.26
C THR A 887 12.13 18.84 10.42
N ASN A 888 10.83 18.84 10.76
CA ASN A 888 10.31 19.56 11.93
C ASN A 888 10.57 21.05 11.90
N LYS A 889 10.40 21.69 10.75
CA LYS A 889 10.83 23.11 10.55
C LYS A 889 9.75 23.97 9.90
C1 GOL B . 2.34 0.80 -7.78
O1 GOL B . 2.25 -0.56 -8.22
C2 GOL B . 3.67 1.49 -7.86
O2 GOL B . 4.56 0.82 -8.71
C3 GOL B . 4.28 1.68 -6.44
O3 GOL B . 3.67 2.77 -5.77
MG MG C . 8.53 3.00 -21.52
ZN ZN D . -8.37 2.56 -2.33
MG MG E . -2.34 24.31 -18.65
C1 GOL F . 1.87 -22.31 -12.24
O1 GOL F . 2.42 -22.47 -13.59
C2 GOL F . 2.84 -21.34 -11.46
O2 GOL F . 4.14 -21.91 -11.37
C3 GOL F . 2.44 -21.00 -10.01
O3 GOL F . 1.28 -20.15 -10.01
O1 1OT G . -6.69 3.62 -2.85
P 1OT G . -6.51 3.66 -4.42
O2 1OT G . -5.08 3.44 -5.17
O3 1OT G . -7.55 2.51 -4.87
C1 1OT G . -7.24 5.13 -5.11
N1 1OT G . -8.24 5.56 -4.08
C2 1OT G . -6.29 6.24 -5.37
C10 1OT G . -5.98 6.99 -4.27
C9 1OT G . -5.22 8.13 -4.36
C5 1OT G . -4.66 8.60 -5.52
C4 1OT G . -5.01 7.82 -6.65
C3 1OT G . -5.82 6.68 -6.61
N2 1OT G . -3.93 9.76 -5.45
N3 1OT G . -3.46 10.51 -6.53
C8 1OT G . -2.91 11.61 -5.96
C7 1OT G . -3.05 11.55 -4.57
C6 1OT G . -3.73 10.39 -4.27
#